data_1DGJ
#
_entry.id   1DGJ
#
_cell.length_a   156.639
_cell.length_b   156.639
_cell.length_c   177.149
_cell.angle_alpha   90.00
_cell.angle_beta   90.00
_cell.angle_gamma   120.00
#
_symmetry.space_group_name_H-M   'P 61 2 2'
#
loop_
_entity.id
_entity.type
_entity.pdbx_description
1 polymer 'ALDEHYDE OXIDOREDUCTASE'
2 non-polymer 'FE2/S2 (INORGANIC) CLUSTER'
3 non-polymer 'MOLYBDENUM (IV)OXIDE'
4 non-polymer 'PTERIN CYTOSINE DINUCLEOTIDE'
5 water water
#
_entity_poly.entity_id   1
_entity_poly.type   'polypeptide(L)'
_entity_poly.pdbx_seq_one_letter_code
;METKTLIVNGMARRLLVSPNDLLVDVLRSQLQLTSVKVGCGKGQCGACTVILDGKVVRACIIKMSRVAENASVTTLEGIG
APDCLHPLQHAWIQHGAAQCGFCTPGFIVSAKALLDENVAPSREDVRDWFQKHHNICRCTGYKPLVDAVMDAAAILRGEK
TVEEISFKMPADGRIWGSSIPRPSAVAKVTGLAEFGADAALRMPENTLHLALAQAKVSHALIKGIDTSEAEKMPGVYKVL
THKDVKGKNRITGLITFPTNKGDGWERPILNDSKIFQYGDALAIVCADSEANARAAAEKVKFDLELLPEYMSAPEAMAPD
AIEIHPGTPNVYYDQLEEKGEDTVPFFNDPANVVAEGSYYTQRQPHLPIEPDVGYGYINEQGQVVIHSKSVAIHLHALMI
APGLGLEFPKDLVLVQNTTGGTFGYKFSPTMEALVGVAVMATGRPCHLRYNYEQQQNYTGKRSPFWTTMRYAADRQGKIL
AMETDWSVDHGPYSEFGDLLTLRGAQYIGAGYGIANIRGTGRTVATNHCWGAAFRGYGAPESEFPSEVLMDELAEKLGMD
PFELRALNCYREGDTTSSGQIPEVMSLPEMFDKMRPYYEESKKRVKERSTAEIKRGVGVALGVYGAGLDGPDTSEAWVEL
NDDGSVTLGNSWEDHGQGADAGSLGTAHEALRPLGITPENIHLVMNDTSKTPNSGPAGGSRSQVVTGNAIRVACEMLIEG
MRKPGGGFFTPAEMKAEGRPMRYDGKWTAPAKDCDAKGQGSPFACYMYGLFLTEVAVEVATGKATVEKMVCVADIGKICN
KLVVDGQIYGGLAQGVGLALSEDYEDLKKHSTMGGAGIPSIKMIPDDIEIVYVETPRKDGPFGASGVGEMPLTAPHAAII
NGIYNACGARVRHLPARPEKVLEAMPR
;
_entity_poly.pdbx_strand_id   A
#
loop_
_chem_comp.id
_chem_comp.type
_chem_comp.name
_chem_comp.formula
2MO non-polymer 'MOLYBDENUM (IV)OXIDE' 'Mo O2'
FES non-polymer 'FE2/S2 (INORGANIC) CLUSTER' 'Fe2 S2'
MCN non-polymer 'PTERIN CYTOSINE DINUCLEOTIDE' 'C19 H22 N8 O13 P2 S2'
#
# COMPACT_ATOMS: atom_id res chain seq x y z
N MET A 1 -12.59 20.70 -36.17
CA MET A 1 -11.17 20.91 -35.75
C MET A 1 -10.57 22.25 -36.12
N GLU A 2 -9.61 22.67 -35.31
CA GLU A 2 -8.94 23.96 -35.49
C GLU A 2 -7.55 23.89 -34.91
N THR A 3 -6.61 24.68 -35.45
CA THR A 3 -5.26 24.69 -34.88
C THR A 3 -5.22 25.80 -33.83
N LYS A 4 -4.62 25.52 -32.68
CA LYS A 4 -4.52 26.51 -31.63
C LYS A 4 -3.04 26.67 -31.27
N THR A 5 -2.55 27.90 -31.32
CA THR A 5 -1.16 28.14 -31.00
C THR A 5 -1.09 28.47 -29.54
N LEU A 6 -0.40 27.65 -28.76
CA LEU A 6 -0.25 27.97 -27.35
C LEU A 6 1.19 27.80 -26.93
N ILE A 7 1.68 28.72 -26.11
CA ILE A 7 3.07 28.74 -25.64
C ILE A 7 3.34 27.77 -24.49
N VAL A 8 3.96 26.63 -24.82
CA VAL A 8 4.25 25.63 -23.79
C VAL A 8 5.70 25.66 -23.31
N ASN A 9 5.88 26.00 -22.04
CA ASN A 9 7.21 26.08 -21.41
C ASN A 9 8.18 26.99 -22.15
N GLY A 10 7.69 28.18 -22.51
CA GLY A 10 8.50 29.16 -23.21
C GLY A 10 8.51 29.13 -24.75
N MET A 11 7.94 28.08 -25.35
CA MET A 11 7.93 27.96 -26.80
C MET A 11 6.54 27.84 -27.40
N ALA A 12 6.29 28.59 -28.47
CA ALA A 12 5.00 28.58 -29.17
C ALA A 12 4.83 27.18 -29.76
N ARG A 13 3.58 26.75 -29.91
CA ARG A 13 3.30 25.42 -30.45
C ARG A 13 1.97 25.46 -31.13
N ARG A 14 1.92 25.12 -32.40
CA ARG A 14 0.61 25.12 -33.05
C ARG A 14 0.11 23.71 -32.93
N LEU A 15 -1.02 23.53 -32.26
CA LEU A 15 -1.55 22.19 -32.14
C LEU A 15 -2.85 22.03 -32.92
N LEU A 16 -2.98 20.92 -33.64
CA LEU A 16 -4.22 20.64 -34.40
C LEU A 16 -5.10 19.88 -33.41
N VAL A 17 -6.01 20.55 -32.73
CA VAL A 17 -6.87 19.84 -31.78
C VAL A 17 -8.33 19.94 -32.11
N SER A 18 -9.12 19.29 -31.27
CA SER A 18 -10.57 19.28 -31.40
C SER A 18 -11.04 20.09 -30.19
N PRO A 19 -11.96 21.05 -30.39
CA PRO A 19 -12.46 21.90 -29.30
C PRO A 19 -13.00 21.14 -28.09
N ASN A 20 -13.27 19.85 -28.24
CA ASN A 20 -13.77 19.06 -27.13
C ASN A 20 -12.70 18.23 -26.44
N ASP A 21 -11.47 18.33 -26.92
CA ASP A 21 -10.37 17.61 -26.32
C ASP A 21 -10.06 18.17 -24.95
N LEU A 22 -9.56 17.32 -24.07
CA LEU A 22 -9.21 17.73 -22.73
C LEU A 22 -7.74 18.12 -22.79
N LEU A 23 -7.43 19.25 -22.17
CA LEU A 23 -6.09 19.76 -22.16
C LEU A 23 -5.10 18.66 -21.77
N VAL A 24 -5.49 17.82 -20.81
CA VAL A 24 -4.63 16.73 -20.32
C VAL A 24 -4.26 15.73 -21.43
N ASP A 25 -5.23 15.40 -22.29
CA ASP A 25 -4.98 14.48 -23.38
C ASP A 25 -4.11 15.11 -24.45
N VAL A 26 -4.35 16.40 -24.68
CA VAL A 26 -3.58 17.12 -25.66
C VAL A 26 -2.12 17.11 -25.23
N LEU A 27 -1.85 17.56 -24.01
CA LEU A 27 -0.49 17.62 -23.47
C LEU A 27 0.24 16.30 -23.44
N ARG A 28 -0.52 15.24 -23.20
CA ARG A 28 0.04 13.92 -23.13
C ARG A 28 0.20 13.24 -24.50
N SER A 29 -0.90 13.10 -25.21
CA SER A 29 -0.91 12.44 -26.51
C SER A 29 -0.25 13.12 -27.69
N GLN A 30 -0.31 14.43 -27.70
CA GLN A 30 0.24 15.20 -28.81
C GLN A 30 1.58 15.87 -28.51
N LEU A 31 1.80 16.27 -27.27
CA LEU A 31 3.09 16.90 -26.91
C LEU A 31 3.99 15.98 -26.10
N GLN A 32 3.51 14.77 -25.80
CA GLN A 32 4.22 13.76 -25.01
C GLN A 32 4.85 14.28 -23.69
N LEU A 33 4.16 15.22 -23.04
CA LEU A 33 4.58 15.81 -21.76
C LEU A 33 4.00 14.95 -20.63
N THR A 34 4.34 13.66 -20.69
CA THR A 34 3.89 12.64 -19.75
C THR A 34 4.00 12.93 -18.25
N SER A 35 4.66 14.02 -17.87
CA SER A 35 4.78 14.35 -16.46
C SER A 35 3.41 14.72 -15.87
N VAL A 36 2.51 15.24 -16.72
CA VAL A 36 1.14 15.61 -16.33
C VAL A 36 0.39 14.27 -16.26
N LYS A 37 0.06 13.83 -15.05
CA LYS A 37 -0.62 12.55 -14.85
C LYS A 37 -2.12 12.69 -14.78
N VAL A 38 -2.80 11.58 -15.05
CA VAL A 38 -4.25 11.49 -14.95
C VAL A 38 -4.54 10.48 -13.83
N GLY A 39 -4.91 10.98 -12.66
CA GLY A 39 -5.21 10.11 -11.54
C GLY A 39 -6.68 9.74 -11.53
N CYS A 40 -7.46 10.54 -10.80
CA CYS A 40 -8.91 10.36 -10.66
C CYS A 40 -9.63 10.68 -11.95
N GLY A 41 -9.13 11.67 -12.68
CA GLY A 41 -9.75 12.08 -13.93
C GLY A 41 -11.01 12.89 -13.71
N LYS A 42 -11.21 13.36 -12.48
CA LYS A 42 -12.37 14.16 -12.13
C LYS A 42 -12.03 15.42 -11.34
N GLY A 43 -10.77 15.86 -11.39
CA GLY A 43 -10.33 17.06 -10.70
C GLY A 43 -10.21 17.07 -9.19
N GLN A 44 -10.12 15.89 -8.57
CA GLN A 44 -10.03 15.78 -7.12
C GLN A 44 -8.60 15.63 -6.59
N CYS A 45 -7.79 14.82 -7.29
CA CYS A 45 -6.42 14.53 -6.87
C CYS A 45 -5.35 15.57 -7.22
N GLY A 46 -5.64 16.43 -8.20
CA GLY A 46 -4.70 17.46 -8.61
C GLY A 46 -3.42 16.91 -9.21
N ALA A 47 -3.41 15.63 -9.53
CA ALA A 47 -2.21 15.03 -10.11
C ALA A 47 -1.91 15.56 -11.52
N CYS A 48 -2.89 16.22 -12.14
CA CYS A 48 -2.73 16.76 -13.50
C CYS A 48 -2.58 18.28 -13.54
N THR A 49 -2.28 18.87 -12.39
CA THR A 49 -2.08 20.32 -12.23
C THR A 49 -1.05 20.91 -13.20
N VAL A 50 -1.45 21.94 -13.93
CA VAL A 50 -0.55 22.68 -14.84
C VAL A 50 -0.85 24.15 -14.56
N ILE A 51 0.01 25.05 -14.99
CA ILE A 51 -0.21 26.47 -14.77
C ILE A 51 -0.66 27.05 -16.11
N LEU A 52 -1.92 27.47 -16.19
CA LEU A 52 -2.47 28.04 -17.43
C LEU A 52 -2.70 29.53 -17.22
N ASP A 53 -1.89 30.35 -17.89
CA ASP A 53 -1.95 31.81 -17.79
C ASP A 53 -1.88 32.29 -16.33
N GLY A 54 -0.86 31.84 -15.60
CA GLY A 54 -0.71 32.23 -14.22
C GLY A 54 -1.63 31.55 -13.22
N LYS A 55 -2.72 30.96 -13.70
CA LYS A 55 -3.68 30.26 -12.84
C LYS A 55 -3.32 28.78 -12.74
N VAL A 56 -3.38 28.23 -11.53
CA VAL A 56 -3.09 26.82 -11.30
C VAL A 56 -4.37 26.04 -11.56
N VAL A 57 -4.36 25.20 -12.59
CA VAL A 57 -5.56 24.44 -12.95
C VAL A 57 -5.31 22.94 -13.10
N ARG A 58 -6.40 22.18 -13.11
CA ARG A 58 -6.37 20.73 -13.27
C ARG A 58 -6.74 20.39 -14.72
N ALA A 59 -5.71 20.12 -15.52
CA ALA A 59 -5.87 19.83 -16.94
C ALA A 59 -6.84 18.76 -17.40
N CYS A 60 -7.33 17.92 -16.48
CA CYS A 60 -8.26 16.85 -16.82
C CYS A 60 -9.71 17.35 -16.96
N ILE A 61 -10.00 18.51 -16.39
CA ILE A 61 -11.34 19.08 -16.47
C ILE A 61 -11.38 20.36 -17.31
N ILE A 62 -10.45 20.50 -18.25
CA ILE A 62 -10.37 21.67 -19.12
C ILE A 62 -10.56 21.27 -20.58
N LYS A 63 -11.64 21.78 -21.19
CA LYS A 63 -11.93 21.53 -22.60
C LYS A 63 -11.02 22.45 -23.42
N MET A 64 -10.62 21.99 -24.60
CA MET A 64 -9.77 22.80 -25.46
C MET A 64 -10.47 24.08 -25.88
N SER A 65 -11.80 24.01 -25.97
CA SER A 65 -12.59 25.16 -26.36
C SER A 65 -12.50 26.30 -25.34
N ARG A 66 -12.17 25.97 -24.10
CA ARG A 66 -12.04 26.97 -23.05
C ARG A 66 -10.61 27.52 -22.93
N VAL A 67 -9.71 27.07 -23.80
CA VAL A 67 -8.34 27.55 -23.77
C VAL A 67 -8.09 28.62 -24.84
N ALA A 68 -7.59 29.76 -24.40
CA ALA A 68 -7.31 30.91 -25.27
C ALA A 68 -6.14 30.75 -26.25
N GLU A 69 -6.15 31.59 -27.29
CA GLU A 69 -5.07 31.58 -28.27
C GLU A 69 -3.87 32.18 -27.56
N ASN A 70 -2.68 31.63 -27.80
CA ASN A 70 -1.44 32.12 -27.19
C ASN A 70 -1.40 31.97 -25.67
N ALA A 71 -2.32 31.18 -25.11
CA ALA A 71 -2.34 30.94 -23.67
C ALA A 71 -1.00 30.31 -23.32
N SER A 72 -0.45 30.64 -22.16
CA SER A 72 0.82 30.03 -21.81
C SER A 72 0.53 28.89 -20.84
N VAL A 73 1.23 27.78 -21.03
CA VAL A 73 1.05 26.60 -20.18
C VAL A 73 2.37 26.15 -19.60
N THR A 74 2.38 25.85 -18.31
CA THR A 74 3.60 25.38 -17.65
C THR A 74 3.44 24.04 -16.99
N THR A 75 4.28 23.10 -17.40
CA THR A 75 4.27 21.77 -16.82
C THR A 75 5.60 21.57 -16.09
N LEU A 76 5.80 20.40 -15.50
CA LEU A 76 7.03 20.14 -14.76
C LEU A 76 8.25 20.28 -15.67
N GLU A 77 8.13 19.90 -16.96
CA GLU A 77 9.23 20.01 -17.90
C GLU A 77 9.67 21.46 -18.12
N GLY A 78 8.81 22.40 -17.73
CA GLY A 78 9.13 23.80 -17.87
C GLY A 78 9.70 24.37 -16.58
N ILE A 79 9.77 23.57 -15.51
CA ILE A 79 10.32 24.04 -14.24
C ILE A 79 11.78 23.64 -14.04
N GLY A 80 12.14 22.44 -14.49
CA GLY A 80 13.51 21.98 -14.36
C GLY A 80 13.74 20.61 -14.97
N ALA A 81 14.91 20.41 -15.57
CA ALA A 81 15.27 19.13 -16.17
C ALA A 81 16.37 18.54 -15.31
N PRO A 82 16.71 17.24 -15.52
CA PRO A 82 17.77 16.61 -14.72
C PRO A 82 19.11 17.34 -14.68
N ASP A 83 19.39 18.18 -15.66
CA ASP A 83 20.66 18.92 -15.67
C ASP A 83 20.58 20.34 -15.13
N CYS A 84 19.41 20.93 -15.20
CA CYS A 84 19.20 22.26 -14.68
C CYS A 84 18.00 22.17 -13.74
N LEU A 85 18.27 21.66 -12.54
CA LEU A 85 17.26 21.49 -11.52
C LEU A 85 16.86 22.76 -10.79
N HIS A 86 15.57 22.84 -10.52
CA HIS A 86 14.96 23.96 -9.80
C HIS A 86 15.19 23.73 -8.30
N PRO A 87 15.26 24.82 -7.50
CA PRO A 87 15.47 24.59 -6.06
C PRO A 87 14.38 23.71 -5.42
N LEU A 88 13.19 23.76 -6.01
CA LEU A 88 12.02 23.00 -5.53
C LEU A 88 12.25 21.49 -5.73
N GLN A 89 12.88 21.13 -6.85
CA GLN A 89 13.19 19.73 -7.12
C GLN A 89 14.27 19.27 -6.15
N HIS A 90 15.30 20.08 -5.95
CA HIS A 90 16.38 19.72 -5.02
C HIS A 90 15.84 19.46 -3.62
N ALA A 91 14.96 20.34 -3.13
CA ALA A 91 14.40 20.15 -1.80
C ALA A 91 13.59 18.84 -1.74
N TRP A 92 12.82 18.56 -2.78
CA TRP A 92 12.02 17.36 -2.82
C TRP A 92 12.87 16.14 -2.65
N ILE A 93 13.96 16.08 -3.40
CA ILE A 93 14.90 14.95 -3.33
C ILE A 93 15.57 14.84 -1.98
N GLN A 94 16.08 15.96 -1.47
CA GLN A 94 16.75 15.95 -0.18
C GLN A 94 15.84 15.65 1.01
N HIS A 95 14.53 15.76 0.82
CA HIS A 95 13.58 15.46 1.88
C HIS A 95 12.91 14.11 1.71
N GLY A 96 13.14 13.47 0.57
CA GLY A 96 12.54 12.18 0.30
C GLY A 96 11.04 12.36 0.11
N ALA A 97 10.66 13.53 -0.39
CA ALA A 97 9.26 13.86 -0.61
C ALA A 97 8.63 13.08 -1.78
N ALA A 98 9.45 12.38 -2.57
CA ALA A 98 8.93 11.59 -3.67
C ALA A 98 9.06 10.11 -3.36
N GLN A 99 7.95 9.44 -3.06
CA GLN A 99 8.02 8.03 -2.77
C GLN A 99 7.69 7.30 -4.05
N CYS A 100 6.41 7.05 -4.29
CA CYS A 100 6.04 6.40 -5.53
C CYS A 100 6.22 7.45 -6.61
N GLY A 101 6.16 8.71 -6.19
CA GLY A 101 6.35 9.84 -7.10
C GLY A 101 5.27 10.14 -8.12
N PHE A 102 4.13 9.48 -8.03
CA PHE A 102 3.07 9.71 -9.01
C PHE A 102 2.38 11.06 -8.88
N CYS A 103 2.40 11.65 -7.68
CA CYS A 103 1.77 12.95 -7.44
C CYS A 103 2.82 14.09 -7.41
N THR A 104 4.10 13.73 -7.56
CA THR A 104 5.20 14.70 -7.51
C THR A 104 5.10 15.87 -8.48
N PRO A 105 4.86 15.61 -9.79
CA PRO A 105 4.75 16.68 -10.79
C PRO A 105 3.66 17.70 -10.40
N GLY A 106 2.45 17.21 -10.09
CA GLY A 106 1.36 18.07 -9.68
C GLY A 106 1.67 18.91 -8.45
N PHE A 107 2.35 18.34 -7.46
CA PHE A 107 2.69 19.06 -6.23
C PHE A 107 3.74 20.13 -6.43
N ILE A 108 4.71 19.84 -7.30
CA ILE A 108 5.81 20.76 -7.60
C ILE A 108 5.35 21.92 -8.45
N VAL A 109 4.50 21.64 -9.43
CA VAL A 109 3.97 22.69 -10.29
C VAL A 109 3.13 23.60 -9.41
N SER A 110 2.25 22.99 -8.62
CA SER A 110 1.39 23.75 -7.73
C SER A 110 2.19 24.60 -6.74
N ALA A 111 3.30 24.06 -6.25
CA ALA A 111 4.17 24.75 -5.30
C ALA A 111 4.93 25.93 -5.91
N LYS A 112 5.40 25.73 -7.12
CA LYS A 112 6.14 26.77 -7.84
C LYS A 112 5.24 27.98 -8.04
N ALA A 113 3.96 27.75 -8.33
CA ALA A 113 2.99 28.82 -8.53
C ALA A 113 2.74 29.59 -7.23
N LEU A 114 2.78 28.88 -6.12
CA LEU A 114 2.58 29.48 -4.81
C LEU A 114 3.71 30.45 -4.51
N LEU A 115 4.93 30.05 -4.82
CA LEU A 115 6.11 30.87 -4.55
C LEU A 115 6.26 32.11 -5.39
N ASP A 116 5.58 32.13 -6.53
CA ASP A 116 5.63 33.29 -7.42
C ASP A 116 4.88 34.43 -6.76
N GLU A 117 3.91 34.06 -5.92
CA GLU A 117 3.08 35.03 -5.20
C GLU A 117 3.47 35.24 -3.74
N ASN A 118 4.21 34.30 -3.16
CA ASN A 118 4.61 34.43 -1.78
C ASN A 118 5.95 33.77 -1.47
N VAL A 119 7.01 34.57 -1.52
CA VAL A 119 8.35 34.09 -1.22
C VAL A 119 8.56 33.65 0.21
N ALA A 120 7.66 34.02 1.10
CA ALA A 120 7.81 33.63 2.50
C ALA A 120 6.50 33.25 3.14
N PRO A 121 5.97 32.05 2.79
CA PRO A 121 4.71 31.54 3.33
C PRO A 121 5.00 30.71 4.58
N SER A 122 4.03 30.66 5.48
CA SER A 122 4.19 29.87 6.68
C SER A 122 3.79 28.45 6.29
N ARG A 123 4.12 27.49 7.13
CA ARG A 123 3.75 26.10 6.87
C ARG A 123 2.23 26.01 6.63
N GLU A 124 1.48 26.77 7.44
CA GLU A 124 0.03 26.80 7.34
C GLU A 124 -0.39 27.36 5.98
N ASP A 125 0.34 28.35 5.49
CA ASP A 125 0.05 28.94 4.18
C ASP A 125 0.14 27.87 3.10
N VAL A 126 1.24 27.14 3.12
CA VAL A 126 1.49 26.05 2.19
C VAL A 126 0.39 25.00 2.29
N ARG A 127 0.03 24.60 3.51
CA ARG A 127 -1.02 23.61 3.69
C ARG A 127 -2.33 24.06 3.03
N ASP A 128 -2.70 25.33 3.23
CA ASP A 128 -3.93 25.86 2.61
C ASP A 128 -3.83 25.86 1.10
N TRP A 129 -2.66 26.19 0.57
CA TRP A 129 -2.49 26.25 -0.87
C TRP A 129 -2.74 24.89 -1.50
N PHE A 130 -2.17 23.86 -0.91
CA PHE A 130 -2.38 22.51 -1.44
C PHE A 130 -3.84 22.09 -1.24
N GLN A 131 -4.41 22.50 -0.12
CA GLN A 131 -5.80 22.18 0.17
C GLN A 131 -6.73 22.80 -0.86
N LYS A 132 -6.61 24.11 -1.06
CA LYS A 132 -7.44 24.82 -2.03
C LYS A 132 -7.21 24.28 -3.44
N HIS A 133 -5.98 23.85 -3.74
CA HIS A 133 -5.71 23.34 -5.07
C HIS A 133 -5.87 21.83 -5.30
N HIS A 134 -6.43 21.12 -4.31
CA HIS A 134 -6.67 19.67 -4.40
C HIS A 134 -5.45 18.80 -4.68
N ASN A 135 -4.34 19.13 -4.03
CA ASN A 135 -3.11 18.36 -4.21
C ASN A 135 -3.10 17.20 -3.22
N ILE A 136 -3.49 16.02 -3.69
CA ILE A 136 -3.55 14.85 -2.83
C ILE A 136 -2.31 13.94 -2.97
N CYS A 137 -1.91 13.34 -1.86
CA CYS A 137 -0.80 12.40 -1.86
C CYS A 137 -1.19 11.26 -0.93
N ARG A 138 -1.13 10.04 -1.44
CA ARG A 138 -1.51 8.90 -0.62
C ARG A 138 -0.31 8.25 0.08
N CYS A 139 0.90 8.70 -0.24
CA CYS A 139 2.11 8.12 0.35
C CYS A 139 2.84 8.82 1.53
N THR A 140 3.15 10.10 1.36
CA THR A 140 3.95 10.82 2.34
C THR A 140 3.39 11.24 3.66
N GLY A 141 2.10 11.45 3.74
CA GLY A 141 1.55 11.92 5.00
C GLY A 141 1.68 13.44 4.94
N TYR A 142 1.98 13.96 3.76
CA TYR A 142 2.12 15.40 3.51
C TYR A 142 3.27 16.14 4.18
N LYS A 143 3.55 15.84 5.45
CA LYS A 143 4.61 16.54 6.19
C LYS A 143 5.88 16.79 5.42
N PRO A 144 6.44 15.75 4.76
CA PRO A 144 7.68 15.87 3.98
C PRO A 144 7.53 16.88 2.83
N LEU A 145 6.32 16.92 2.24
CA LEU A 145 6.02 17.84 1.15
C LEU A 145 6.17 19.32 1.58
N VAL A 146 5.57 19.66 2.72
CA VAL A 146 5.64 21.01 3.30
C VAL A 146 7.09 21.31 3.68
N ASP A 147 7.74 20.37 4.38
CA ASP A 147 9.15 20.51 4.76
C ASP A 147 9.96 20.92 3.51
N ALA A 148 9.72 20.24 2.38
CA ALA A 148 10.41 20.52 1.12
C ALA A 148 10.14 21.90 0.56
N VAL A 149 8.88 22.35 0.66
CA VAL A 149 8.50 23.66 0.15
C VAL A 149 9.16 24.78 0.94
N MET A 150 9.12 24.66 2.26
CA MET A 150 9.73 25.63 3.16
C MET A 150 11.22 25.85 2.87
N ASP A 151 11.94 24.76 2.55
CA ASP A 151 13.38 24.84 2.26
C ASP A 151 13.64 25.51 0.92
N ALA A 152 12.90 25.13 -0.12
CA ALA A 152 13.04 25.75 -1.45
C ALA A 152 12.76 27.26 -1.38
N ALA A 153 11.83 27.65 -0.51
CA ALA A 153 11.50 29.07 -0.30
C ALA A 153 12.72 29.83 0.25
N ALA A 154 13.38 29.27 1.27
CA ALA A 154 14.56 29.90 1.84
C ALA A 154 15.64 30.01 0.77
N ILE A 155 15.74 29.03 -0.12
CA ILE A 155 16.75 29.02 -1.19
C ILE A 155 16.45 30.09 -2.26
N LEU A 156 15.18 30.28 -2.59
CA LEU A 156 14.82 31.27 -3.60
C LEU A 156 14.99 32.69 -3.02
N ARG A 157 14.95 32.77 -1.69
CA ARG A 157 15.12 34.03 -0.98
C ARG A 157 16.61 34.30 -0.79
N GLY A 158 17.43 33.32 -1.16
CA GLY A 158 18.87 33.46 -1.01
C GLY A 158 19.29 33.28 0.44
N GLU A 159 18.44 32.67 1.27
CA GLU A 159 18.76 32.45 2.68
C GLU A 159 19.54 31.18 2.95
N LYS A 160 19.32 30.16 2.13
CA LYS A 160 20.01 28.90 2.24
C LYS A 160 20.42 28.52 0.84
N THR A 161 21.52 27.79 0.74
CA THR A 161 22.01 27.38 -0.56
C THR A 161 21.61 25.92 -0.78
N VAL A 162 21.57 25.49 -2.04
CA VAL A 162 21.24 24.10 -2.34
C VAL A 162 22.24 23.17 -1.63
N GLU A 163 23.54 23.43 -1.83
CA GLU A 163 24.61 22.62 -1.22
C GLU A 163 24.44 22.49 0.30
N GLU A 164 23.74 23.44 0.89
CA GLU A 164 23.54 23.46 2.34
C GLU A 164 22.51 22.49 2.88
N ILE A 165 21.47 22.21 2.11
CA ILE A 165 20.43 21.30 2.57
C ILE A 165 20.61 19.90 1.98
N SER A 166 21.64 19.72 1.15
CA SER A 166 21.92 18.43 0.53
C SER A 166 22.74 17.48 1.42
N PHE A 167 22.50 16.19 1.23
CA PHE A 167 23.20 15.14 1.95
C PHE A 167 24.67 15.20 1.53
N LYS A 168 25.58 15.05 2.49
CA LYS A 168 27.01 15.06 2.19
C LYS A 168 27.60 13.73 2.70
N MET A 169 28.46 13.10 1.90
CA MET A 169 29.09 11.83 2.29
C MET A 169 29.93 12.02 3.54
N PRO A 170 29.68 11.19 4.57
CA PRO A 170 30.44 11.30 5.82
C PRO A 170 31.87 10.75 5.65
N ALA A 171 32.76 11.09 6.59
CA ALA A 171 34.17 10.63 6.54
C ALA A 171 34.25 9.11 6.65
N ASP A 172 33.11 8.57 7.08
CA ASP A 172 32.80 7.15 7.30
C ASP A 172 32.73 6.36 6.01
N GLY A 173 32.01 6.96 5.06
CA GLY A 173 31.79 6.35 3.77
C GLY A 173 30.50 5.54 3.83
N ARG A 174 29.97 5.38 5.05
CA ARG A 174 28.76 4.60 5.30
C ARG A 174 27.43 5.29 5.02
N ILE A 175 26.55 4.61 4.29
CA ILE A 175 25.20 5.15 4.01
C ILE A 175 24.09 4.38 4.74
N TRP A 176 24.47 3.35 5.51
CA TRP A 176 23.49 2.57 6.26
C TRP A 176 23.07 3.38 7.47
N GLY A 177 21.79 3.77 7.51
CA GLY A 177 21.28 4.57 8.63
C GLY A 177 21.25 6.07 8.33
N SER A 178 21.77 6.45 7.16
CA SER A 178 21.83 7.84 6.71
C SER A 178 20.54 8.32 6.06
N SER A 179 20.56 9.58 5.63
CA SER A 179 19.42 10.21 4.97
C SER A 179 19.67 10.47 3.49
N ILE A 180 20.49 9.61 2.87
CA ILE A 180 20.84 9.69 1.45
C ILE A 180 19.59 9.53 0.54
N PRO A 181 19.37 10.47 -0.40
CA PRO A 181 18.19 10.34 -1.29
C PRO A 181 18.12 9.01 -2.04
N ARG A 182 16.92 8.58 -2.42
CA ARG A 182 16.77 7.30 -3.12
C ARG A 182 17.19 7.39 -4.57
N PRO A 183 17.71 6.29 -5.12
CA PRO A 183 18.15 6.24 -6.51
C PRO A 183 17.19 6.86 -7.51
N SER A 184 15.92 6.54 -7.37
CA SER A 184 14.88 7.02 -8.26
C SER A 184 14.39 8.45 -8.02
N ALA A 185 14.94 9.15 -7.03
CA ALA A 185 14.50 10.50 -6.75
C ALA A 185 14.46 11.45 -7.95
N VAL A 186 15.62 11.64 -8.59
CA VAL A 186 15.77 12.52 -9.73
C VAL A 186 14.78 12.27 -10.85
N ALA A 187 14.63 11.01 -11.23
CA ALA A 187 13.72 10.62 -12.31
C ALA A 187 12.30 10.96 -11.94
N LYS A 188 12.02 10.83 -10.64
CA LYS A 188 10.69 11.14 -10.13
C LYS A 188 10.41 12.63 -10.00
N VAL A 189 11.37 13.41 -9.52
CA VAL A 189 11.13 14.85 -9.38
C VAL A 189 11.24 15.61 -10.70
N THR A 190 11.59 14.92 -11.78
CA THR A 190 11.72 15.56 -13.09
C THR A 190 10.59 15.12 -14.02
N GLY A 191 9.91 14.05 -13.65
CA GLY A 191 8.84 13.56 -14.49
C GLY A 191 9.34 12.70 -15.62
N LEU A 192 10.52 12.09 -15.46
CA LEU A 192 11.04 11.22 -16.50
C LEU A 192 10.65 9.80 -16.17
N ALA A 193 10.38 9.55 -14.88
CA ALA A 193 9.97 8.22 -14.40
C ALA A 193 8.75 7.81 -15.20
N GLU A 194 8.82 6.64 -15.82
CA GLU A 194 7.72 6.19 -16.66
C GLU A 194 6.79 5.23 -15.97
N PHE A 195 5.53 5.62 -15.82
CA PHE A 195 4.52 4.75 -15.21
C PHE A 195 3.82 3.99 -16.34
N GLY A 196 3.05 2.96 -15.99
CA GLY A 196 2.38 2.14 -16.97
C GLY A 196 1.62 2.84 -18.08
N ALA A 197 0.77 3.78 -17.70
CA ALA A 197 0.01 4.54 -18.67
C ALA A 197 0.92 5.34 -19.61
N ASP A 198 1.95 5.97 -19.06
CA ASP A 198 2.88 6.76 -19.86
C ASP A 198 3.47 5.95 -21.01
N ALA A 199 3.81 4.70 -20.72
CA ALA A 199 4.38 3.78 -21.71
C ALA A 199 3.51 3.59 -22.93
N ALA A 200 2.21 3.72 -22.76
CA ALA A 200 1.25 3.56 -23.85
C ALA A 200 1.60 4.47 -25.01
N LEU A 201 2.14 5.64 -24.71
CA LEU A 201 2.50 6.58 -25.76
C LEU A 201 3.80 6.22 -26.48
N ARG A 202 4.61 5.39 -25.85
CA ARG A 202 5.90 4.99 -26.40
C ARG A 202 6.01 3.56 -26.92
N MET A 203 4.87 2.90 -27.12
CA MET A 203 4.86 1.52 -27.59
C MET A 203 4.90 1.45 -29.10
N PRO A 204 5.15 0.26 -29.67
CA PRO A 204 5.18 0.21 -31.14
C PRO A 204 3.81 0.54 -31.78
N GLU A 205 3.79 0.63 -33.12
CA GLU A 205 2.57 0.97 -33.89
C GLU A 205 1.39 0.00 -33.71
N ASN A 206 1.65 -1.25 -34.05
CA ASN A 206 0.67 -2.33 -33.98
C ASN A 206 0.12 -2.63 -32.57
N THR A 207 0.52 -1.82 -31.58
CA THR A 207 0.01 -2.00 -30.22
C THR A 207 -1.53 -1.81 -30.19
N LEU A 208 -2.23 -2.70 -29.50
CA LEU A 208 -3.69 -2.65 -29.37
C LEU A 208 -4.05 -2.10 -27.98
N HIS A 209 -5.26 -1.55 -27.83
CA HIS A 209 -5.69 -0.99 -26.55
C HIS A 209 -6.94 -1.66 -26.04
N LEU A 210 -6.87 -2.13 -24.81
CA LEU A 210 -7.98 -2.87 -24.24
C LEU A 210 -8.98 -2.10 -23.43
N ALA A 211 -10.16 -2.70 -23.33
CA ALA A 211 -11.26 -2.15 -22.54
C ALA A 211 -12.03 -3.37 -22.06
N LEU A 212 -12.49 -3.31 -20.81
CA LEU A 212 -13.24 -4.40 -20.20
C LEU A 212 -14.74 -4.14 -20.26
N ALA A 213 -15.51 -5.21 -20.44
CA ALA A 213 -16.98 -5.13 -20.46
C ALA A 213 -17.36 -5.74 -19.12
N GLN A 214 -17.62 -4.88 -18.14
CA GLN A 214 -17.92 -5.29 -16.77
C GLN A 214 -19.37 -5.48 -16.39
N ALA A 215 -19.62 -6.39 -15.45
CA ALA A 215 -20.96 -6.66 -14.93
C ALA A 215 -21.39 -5.49 -14.04
N LYS A 216 -22.68 -5.12 -14.12
CA LYS A 216 -23.22 -4.02 -13.33
C LYS A 216 -24.18 -4.50 -12.26
N VAL A 217 -24.23 -5.80 -12.05
CA VAL A 217 -25.06 -6.41 -11.03
C VAL A 217 -24.09 -7.22 -10.19
N SER A 218 -24.42 -7.42 -8.92
CA SER A 218 -23.53 -8.15 -8.04
C SER A 218 -23.57 -9.66 -8.09
N HIS A 219 -24.71 -10.24 -8.41
CA HIS A 219 -24.81 -11.71 -8.44
C HIS A 219 -25.80 -12.15 -9.50
N ALA A 220 -25.38 -13.08 -10.37
CA ALA A 220 -26.25 -13.57 -11.45
C ALA A 220 -25.69 -14.75 -12.24
N LEU A 221 -26.55 -15.45 -12.98
CA LEU A 221 -26.12 -16.56 -13.83
C LEU A 221 -25.94 -16.01 -15.25
N ILE A 222 -24.94 -16.48 -15.97
CA ILE A 222 -24.70 -16.00 -17.34
C ILE A 222 -25.35 -16.90 -18.39
N LYS A 223 -26.44 -16.43 -18.98
CA LYS A 223 -27.15 -17.17 -20.01
C LYS A 223 -26.52 -16.99 -21.39
N GLY A 224 -25.87 -15.85 -21.61
CA GLY A 224 -25.22 -15.59 -22.88
C GLY A 224 -24.51 -14.25 -23.02
N ILE A 225 -23.51 -14.21 -23.90
CA ILE A 225 -22.78 -12.97 -24.14
C ILE A 225 -22.83 -12.64 -25.64
N ASP A 226 -23.32 -11.45 -25.97
CA ASP A 226 -23.40 -11.06 -27.37
C ASP A 226 -22.37 -9.99 -27.73
N THR A 227 -21.32 -10.42 -28.41
CA THR A 227 -20.23 -9.54 -28.82
C THR A 227 -20.43 -8.86 -30.18
N SER A 228 -21.39 -9.34 -30.95
CA SER A 228 -21.74 -8.84 -32.29
C SER A 228 -21.62 -7.33 -32.60
N GLU A 229 -22.36 -6.50 -31.87
CA GLU A 229 -22.35 -5.04 -32.08
C GLU A 229 -21.05 -4.32 -31.80
N ALA A 230 -20.33 -4.81 -30.80
CA ALA A 230 -19.05 -4.26 -30.39
C ALA A 230 -18.03 -4.57 -31.47
N GLU A 231 -18.15 -5.75 -32.08
CA GLU A 231 -17.23 -6.12 -33.14
C GLU A 231 -17.33 -5.15 -34.33
N LYS A 232 -18.55 -4.77 -34.68
CA LYS A 232 -18.80 -3.85 -35.79
C LYS A 232 -18.33 -2.43 -35.53
N MET A 233 -18.17 -2.05 -34.26
CA MET A 233 -17.73 -0.70 -33.90
C MET A 233 -16.40 -0.29 -34.53
N PRO A 234 -16.17 1.03 -34.65
CA PRO A 234 -14.96 1.60 -35.25
C PRO A 234 -13.66 1.43 -34.45
N GLY A 235 -12.68 0.82 -35.09
CA GLY A 235 -11.38 0.62 -34.47
C GLY A 235 -11.15 -0.72 -33.77
N VAL A 236 -12.24 -1.41 -33.50
CA VAL A 236 -12.20 -2.71 -32.82
C VAL A 236 -11.50 -3.77 -33.68
N TYR A 237 -10.39 -4.31 -33.17
CA TYR A 237 -9.64 -5.36 -33.87
C TYR A 237 -10.21 -6.73 -33.58
N LYS A 238 -10.77 -6.90 -32.38
CA LYS A 238 -11.35 -8.17 -31.97
C LYS A 238 -11.96 -8.04 -30.58
N VAL A 239 -12.95 -8.89 -30.28
CA VAL A 239 -13.62 -8.91 -28.97
C VAL A 239 -13.55 -10.33 -28.41
N LEU A 240 -12.90 -10.49 -27.25
CA LEU A 240 -12.72 -11.78 -26.62
C LEU A 240 -13.61 -12.02 -25.40
N THR A 241 -13.93 -13.29 -25.17
CA THR A 241 -14.76 -13.72 -24.04
C THR A 241 -14.06 -14.94 -23.46
N HIS A 242 -14.73 -15.61 -22.53
CA HIS A 242 -14.17 -16.82 -21.90
C HIS A 242 -13.85 -17.90 -22.93
N LYS A 243 -14.53 -17.86 -24.07
CA LYS A 243 -14.30 -18.85 -25.12
C LYS A 243 -12.90 -18.72 -25.72
N ASP A 244 -12.29 -17.55 -25.59
CA ASP A 244 -10.97 -17.35 -26.15
C ASP A 244 -9.79 -17.73 -25.26
N VAL A 245 -10.09 -18.20 -24.05
CA VAL A 245 -9.07 -18.61 -23.07
C VAL A 245 -8.60 -20.04 -23.35
N LYS A 246 -7.28 -20.25 -23.38
CA LYS A 246 -6.74 -21.57 -23.64
C LYS A 246 -6.53 -22.46 -22.41
N GLY A 247 -6.19 -21.88 -21.26
CA GLY A 247 -5.98 -22.67 -20.04
C GLY A 247 -7.25 -22.92 -19.26
N LYS A 248 -7.13 -23.17 -17.95
CA LYS A 248 -8.32 -23.43 -17.14
C LYS A 248 -9.28 -22.23 -16.98
N ASN A 249 -8.85 -21.02 -17.35
CA ASN A 249 -9.65 -19.78 -17.20
C ASN A 249 -9.92 -19.55 -15.70
N ARG A 250 -8.94 -19.94 -14.88
CA ARG A 250 -9.04 -19.82 -13.42
C ARG A 250 -7.74 -19.27 -12.86
N ILE A 251 -7.83 -18.66 -11.69
CA ILE A 251 -6.67 -18.11 -11.01
C ILE A 251 -6.59 -18.90 -9.70
N THR A 252 -5.48 -19.58 -9.48
CA THR A 252 -5.33 -20.38 -8.27
C THR A 252 -4.84 -19.60 -7.06
N GLY A 253 -5.33 -19.97 -5.87
CA GLY A 253 -4.89 -19.31 -4.65
C GLY A 253 -3.52 -19.82 -4.20
N LEU A 254 -2.97 -20.79 -4.95
CA LEU A 254 -1.65 -21.44 -4.71
C LEU A 254 -1.43 -22.12 -3.39
N ILE A 255 -1.41 -21.30 -2.34
CA ILE A 255 -1.19 -21.71 -0.98
C ILE A 255 -2.47 -21.88 -0.13
N THR A 256 -3.59 -22.21 -0.77
CA THR A 256 -4.88 -22.44 -0.12
C THR A 256 -4.72 -23.47 1.00
N PHE A 257 -5.09 -23.09 2.22
CA PHE A 257 -4.96 -24.03 3.35
C PHE A 257 -5.68 -25.34 3.11
N PRO A 258 -5.06 -26.44 3.56
CA PRO A 258 -5.64 -27.78 3.41
C PRO A 258 -7.07 -27.96 3.98
N THR A 259 -7.38 -27.34 5.13
CA THR A 259 -8.72 -27.47 5.74
C THR A 259 -9.74 -26.44 5.26
N ASN A 260 -9.49 -25.81 4.11
CA ASN A 260 -10.41 -24.83 3.53
C ASN A 260 -11.52 -25.65 2.85
N LYS A 261 -12.78 -25.24 2.94
CA LYS A 261 -13.86 -26.01 2.28
C LYS A 261 -13.70 -26.04 0.76
N GLY A 262 -13.24 -24.93 0.18
CA GLY A 262 -13.03 -24.87 -1.25
C GLY A 262 -11.65 -25.37 -1.67
N ASP A 263 -11.25 -25.07 -2.91
CA ASP A 263 -9.94 -25.48 -3.44
C ASP A 263 -9.05 -24.34 -4.02
N GLY A 264 -9.53 -23.11 -3.99
CA GLY A 264 -8.77 -21.98 -4.50
C GLY A 264 -8.76 -21.85 -6.02
N TRP A 265 -9.73 -22.49 -6.67
CA TRP A 265 -9.81 -22.43 -8.11
C TRP A 265 -11.10 -21.79 -8.62
N GLU A 266 -11.76 -21.01 -7.78
CA GLU A 266 -13.01 -20.36 -8.19
C GLU A 266 -12.90 -19.09 -9.01
N ARG A 267 -11.83 -18.32 -8.85
CA ARG A 267 -11.72 -17.06 -9.62
C ARG A 267 -11.56 -17.31 -11.13
N PRO A 268 -12.51 -16.82 -11.94
CA PRO A 268 -12.39 -17.06 -13.38
C PRO A 268 -11.48 -15.96 -13.93
N ILE A 269 -10.84 -16.14 -15.08
CA ILE A 269 -10.06 -15.03 -15.62
C ILE A 269 -11.08 -14.09 -16.28
N LEU A 270 -11.97 -14.68 -17.09
CA LEU A 270 -13.10 -13.99 -17.73
C LEU A 270 -14.23 -14.90 -17.31
N ASN A 271 -15.19 -14.33 -16.58
CA ASN A 271 -16.32 -15.11 -16.07
C ASN A 271 -16.99 -15.88 -17.19
N ASP A 272 -17.41 -17.11 -16.88
CA ASP A 272 -18.06 -17.99 -17.85
C ASP A 272 -19.51 -18.41 -17.56
N SER A 273 -19.83 -18.71 -16.29
CA SER A 273 -21.19 -19.13 -15.94
C SER A 273 -21.90 -18.30 -14.87
N LYS A 274 -21.14 -17.54 -14.09
CA LYS A 274 -21.73 -16.70 -13.03
C LYS A 274 -20.99 -15.40 -12.82
N ILE A 275 -21.73 -14.42 -12.28
CA ILE A 275 -21.18 -13.12 -11.94
C ILE A 275 -21.10 -13.10 -10.41
N PHE A 276 -19.89 -12.93 -9.87
CA PHE A 276 -19.77 -12.94 -8.43
C PHE A 276 -19.79 -11.57 -7.75
N GLN A 277 -19.42 -10.51 -8.47
CA GLN A 277 -19.42 -9.18 -7.89
C GLN A 277 -19.52 -8.09 -8.93
N TYR A 278 -20.12 -6.96 -8.56
CA TYR A 278 -20.22 -5.82 -9.46
C TYR A 278 -18.76 -5.52 -9.93
N GLY A 279 -18.58 -5.38 -11.25
CA GLY A 279 -17.25 -5.11 -11.78
C GLY A 279 -16.69 -6.26 -12.60
N ASP A 280 -17.18 -7.47 -12.31
CA ASP A 280 -16.72 -8.68 -13.02
C ASP A 280 -16.60 -8.54 -14.54
N ALA A 281 -15.40 -8.81 -15.05
CA ALA A 281 -15.10 -8.72 -16.49
C ALA A 281 -15.56 -9.94 -17.29
N LEU A 282 -16.53 -9.73 -18.18
CA LEU A 282 -17.07 -10.80 -19.01
C LEU A 282 -16.53 -10.84 -20.45
N ALA A 283 -15.82 -9.79 -20.86
CA ALA A 283 -15.25 -9.72 -22.21
C ALA A 283 -14.22 -8.61 -22.38
N ILE A 284 -13.27 -8.84 -23.28
CA ILE A 284 -12.20 -7.88 -23.53
C ILE A 284 -12.27 -7.33 -24.96
N VAL A 285 -12.35 -6.01 -25.11
CA VAL A 285 -12.39 -5.40 -26.44
C VAL A 285 -10.99 -4.90 -26.83
N CYS A 286 -10.57 -5.17 -28.07
CA CYS A 286 -9.25 -4.71 -28.56
C CYS A 286 -9.46 -3.69 -29.65
N ALA A 287 -8.97 -2.47 -29.45
CA ALA A 287 -9.13 -1.44 -30.47
C ALA A 287 -7.81 -0.76 -30.80
N ASP A 288 -7.89 0.20 -31.71
CA ASP A 288 -6.73 0.96 -32.17
C ASP A 288 -6.39 2.04 -31.14
N SER A 289 -7.30 2.26 -30.20
CA SER A 289 -7.10 3.26 -29.16
C SER A 289 -7.97 2.96 -27.94
N GLU A 290 -7.67 3.60 -26.82
CA GLU A 290 -8.42 3.38 -25.60
C GLU A 290 -9.85 3.91 -25.76
N ALA A 291 -9.98 5.15 -26.25
CA ALA A 291 -11.27 5.79 -26.46
C ALA A 291 -12.15 4.91 -27.35
N ASN A 292 -11.57 4.34 -28.40
CA ASN A 292 -12.36 3.49 -29.28
C ASN A 292 -12.77 2.16 -28.63
N ALA A 293 -11.90 1.59 -27.80
CA ALA A 293 -12.16 0.32 -27.11
C ALA A 293 -13.21 0.46 -26.00
N ARG A 294 -13.11 1.52 -25.21
CA ARG A 294 -14.06 1.79 -24.13
C ARG A 294 -15.45 1.95 -24.69
N ALA A 295 -15.53 2.70 -25.79
CA ALA A 295 -16.79 2.98 -26.46
C ALA A 295 -17.46 1.74 -27.05
N ALA A 296 -16.66 0.74 -27.42
CA ALA A 296 -17.20 -0.51 -28.00
C ALA A 296 -17.57 -1.53 -26.93
N ALA A 297 -16.96 -1.39 -25.75
CA ALA A 297 -17.20 -2.30 -24.64
C ALA A 297 -18.62 -2.12 -24.09
N GLU A 298 -19.11 -0.89 -24.06
CA GLU A 298 -20.46 -0.61 -23.56
C GLU A 298 -21.52 -1.26 -24.44
N LYS A 299 -21.16 -1.46 -25.70
CA LYS A 299 -22.04 -2.06 -26.70
C LYS A 299 -22.13 -3.59 -26.66
N VAL A 300 -21.52 -4.21 -25.65
CA VAL A 300 -21.55 -5.67 -25.51
C VAL A 300 -22.74 -6.02 -24.59
N LYS A 301 -23.65 -6.89 -25.06
CA LYS A 301 -24.84 -7.26 -24.30
C LYS A 301 -24.77 -8.60 -23.59
N PHE A 302 -25.21 -8.61 -22.32
CA PHE A 302 -25.22 -9.83 -21.52
C PHE A 302 -26.65 -10.31 -21.32
N ASP A 303 -26.83 -11.62 -21.34
CA ASP A 303 -28.13 -12.23 -21.10
C ASP A 303 -27.98 -12.86 -19.70
N LEU A 304 -28.56 -12.21 -18.70
CA LEU A 304 -28.44 -12.67 -17.32
C LEU A 304 -29.75 -13.11 -16.62
N GLU A 305 -29.58 -13.83 -15.51
CA GLU A 305 -30.70 -14.27 -14.67
C GLU A 305 -30.26 -13.87 -13.25
N LEU A 306 -30.75 -12.72 -12.78
CA LEU A 306 -30.39 -12.20 -11.47
C LEU A 306 -30.65 -13.10 -10.26
N LEU A 307 -29.62 -13.34 -9.46
CA LEU A 307 -29.71 -14.14 -8.24
C LEU A 307 -29.72 -13.18 -7.07
N PRO A 308 -30.13 -13.64 -5.86
CA PRO A 308 -30.15 -12.75 -4.69
C PRO A 308 -28.74 -12.20 -4.41
N GLU A 309 -28.67 -11.01 -3.84
CA GLU A 309 -27.38 -10.39 -3.55
C GLU A 309 -27.07 -10.30 -2.07
N TYR A 310 -25.99 -10.98 -1.67
CA TYR A 310 -25.53 -10.99 -0.29
C TYR A 310 -24.36 -9.99 -0.17
N MET A 311 -24.67 -8.77 0.25
CA MET A 311 -23.66 -7.72 0.34
C MET A 311 -22.93 -7.55 1.68
N SER A 312 -23.04 -8.54 2.56
CA SER A 312 -22.38 -8.49 3.86
C SER A 312 -22.28 -9.88 4.47
N ALA A 313 -21.30 -10.09 5.36
CA ALA A 313 -21.08 -11.38 6.04
C ALA A 313 -22.37 -11.94 6.67
N PRO A 314 -23.11 -11.13 7.45
CA PRO A 314 -24.34 -11.64 8.06
C PRO A 314 -25.32 -12.21 7.03
N GLU A 315 -25.53 -11.45 5.96
CA GLU A 315 -26.44 -11.84 4.89
C GLU A 315 -26.08 -13.17 4.23
N ALA A 316 -24.80 -13.37 3.97
CA ALA A 316 -24.32 -14.60 3.35
C ALA A 316 -24.34 -15.73 4.37
N MET A 317 -24.55 -15.37 5.63
CA MET A 317 -24.61 -16.35 6.71
C MET A 317 -26.04 -16.79 7.04
N ALA A 318 -27.05 -16.01 6.61
CA ALA A 318 -28.44 -16.36 6.83
C ALA A 318 -28.65 -17.80 6.39
N PRO A 319 -29.46 -18.56 7.13
CA PRO A 319 -29.76 -19.97 6.85
C PRO A 319 -30.36 -20.29 5.47
N ASP A 320 -31.01 -19.30 4.88
CA ASP A 320 -31.63 -19.45 3.57
C ASP A 320 -30.73 -19.02 2.41
N ALA A 321 -29.57 -18.44 2.73
CA ALA A 321 -28.63 -17.98 1.69
C ALA A 321 -28.15 -19.12 0.77
N ILE A 322 -28.16 -18.89 -0.54
CA ILE A 322 -27.70 -19.92 -1.50
C ILE A 322 -26.18 -19.88 -1.60
N GLU A 323 -25.58 -21.01 -1.95
CA GLU A 323 -24.14 -21.04 -2.09
C GLU A 323 -23.75 -20.17 -3.29
N ILE A 324 -22.89 -19.18 -3.06
CA ILE A 324 -22.39 -18.30 -4.12
C ILE A 324 -21.55 -19.14 -5.09
N HIS A 325 -20.74 -20.03 -4.53
CA HIS A 325 -19.90 -20.96 -5.28
C HIS A 325 -20.51 -22.34 -5.03
N PRO A 326 -21.38 -22.78 -5.95
CA PRO A 326 -22.07 -24.07 -5.88
C PRO A 326 -21.12 -25.20 -5.47
N GLY A 327 -21.55 -25.92 -4.42
CA GLY A 327 -20.79 -27.04 -3.90
C GLY A 327 -19.80 -26.65 -2.82
N THR A 328 -19.85 -25.41 -2.37
CA THR A 328 -18.96 -24.94 -1.31
C THR A 328 -19.77 -23.94 -0.51
N PRO A 329 -19.82 -24.12 0.83
CA PRO A 329 -20.56 -23.24 1.75
C PRO A 329 -19.96 -21.84 1.77
N ASN A 330 -20.78 -20.81 1.99
CA ASN A 330 -20.24 -19.46 2.04
C ASN A 330 -19.23 -19.28 3.18
N VAL A 331 -19.30 -20.15 4.18
CA VAL A 331 -18.34 -20.06 5.27
C VAL A 331 -17.39 -21.20 4.95
N TYR A 332 -16.35 -20.87 4.19
CA TYR A 332 -15.40 -21.89 3.79
C TYR A 332 -14.19 -22.12 4.68
N TYR A 333 -14.07 -21.42 5.81
CA TYR A 333 -12.90 -21.63 6.68
C TYR A 333 -13.13 -21.35 8.16
N ASP A 334 -12.62 -22.24 9.01
CA ASP A 334 -12.74 -22.10 10.46
C ASP A 334 -11.37 -22.03 11.09
N GLN A 335 -11.17 -21.06 11.97
CA GLN A 335 -9.89 -20.89 12.61
C GLN A 335 -10.06 -21.01 14.11
N LEU A 336 -9.25 -21.85 14.72
CA LEU A 336 -9.28 -22.00 16.17
C LEU A 336 -8.12 -21.26 16.76
N GLU A 337 -8.28 -20.86 18.00
CA GLU A 337 -7.22 -20.16 18.72
C GLU A 337 -7.32 -20.66 20.16
N GLU A 338 -6.36 -21.48 20.57
CA GLU A 338 -6.37 -22.02 21.93
C GLU A 338 -5.01 -21.90 22.56
N LYS A 339 -4.93 -21.12 23.63
CA LYS A 339 -3.70 -20.93 24.38
C LYS A 339 -4.01 -20.98 25.87
N GLY A 340 -3.13 -21.64 26.63
CA GLY A 340 -3.34 -21.74 28.07
C GLY A 340 -4.54 -22.62 28.40
N GLU A 341 -5.10 -22.40 29.59
CA GLU A 341 -6.23 -23.19 30.06
C GLU A 341 -7.55 -22.67 29.54
N ASP A 342 -8.60 -23.43 29.81
CA ASP A 342 -9.95 -23.03 29.42
C ASP A 342 -10.22 -21.69 30.08
N THR A 343 -10.83 -20.78 29.33
CA THR A 343 -11.15 -19.43 29.80
C THR A 343 -12.51 -19.24 30.48
N VAL A 344 -13.37 -20.24 30.40
CA VAL A 344 -14.68 -20.07 30.97
C VAL A 344 -14.74 -19.84 32.49
N PRO A 345 -13.91 -20.53 33.28
CA PRO A 345 -13.96 -20.32 34.72
C PRO A 345 -13.60 -18.89 35.13
N PHE A 346 -12.89 -18.18 34.23
CA PHE A 346 -12.48 -16.79 34.51
C PHE A 346 -13.59 -15.81 34.23
N PHE A 347 -14.44 -16.13 33.26
CA PHE A 347 -15.54 -15.26 32.88
C PHE A 347 -16.79 -15.51 33.73
N ASN A 348 -16.88 -16.72 34.29
CA ASN A 348 -18.02 -17.12 35.13
C ASN A 348 -17.79 -16.74 36.57
N ASP A 349 -16.59 -16.30 36.89
CA ASP A 349 -16.28 -15.90 38.25
C ASP A 349 -16.72 -14.47 38.50
N PRO A 350 -17.67 -14.28 39.44
CA PRO A 350 -18.24 -12.98 39.83
C PRO A 350 -17.22 -12.00 40.39
N ALA A 351 -16.04 -12.53 40.74
CA ALA A 351 -14.96 -11.73 41.32
C ALA A 351 -14.06 -11.00 40.32
N ASN A 352 -14.09 -11.43 39.07
CA ASN A 352 -13.26 -10.77 38.05
C ASN A 352 -14.02 -9.62 37.42
N VAL A 353 -13.29 -8.73 36.77
CA VAL A 353 -13.92 -7.61 36.10
C VAL A 353 -13.93 -7.99 34.63
N VAL A 354 -15.11 -8.04 34.03
CA VAL A 354 -15.24 -8.41 32.63
C VAL A 354 -15.67 -7.24 31.76
N ALA A 355 -15.02 -7.10 30.60
CA ALA A 355 -15.32 -6.06 29.62
C ALA A 355 -15.61 -6.80 28.33
N GLU A 356 -16.74 -6.51 27.69
CA GLU A 356 -17.10 -7.19 26.43
C GLU A 356 -17.50 -6.17 25.38
N GLY A 357 -17.41 -6.53 24.11
CA GLY A 357 -17.79 -5.59 23.06
C GLY A 357 -17.77 -6.16 21.66
N SER A 358 -18.53 -5.52 20.76
CA SER A 358 -18.58 -5.91 19.35
C SER A 358 -18.05 -4.75 18.53
N TYR A 359 -17.09 -4.98 17.65
CA TYR A 359 -16.52 -3.90 16.82
C TYR A 359 -16.57 -4.26 15.33
N TYR A 360 -16.38 -3.24 14.48
CA TYR A 360 -16.38 -3.47 13.04
C TYR A 360 -15.38 -2.62 12.24
N THR A 361 -14.53 -3.28 11.46
CA THR A 361 -13.59 -2.55 10.60
C THR A 361 -14.19 -2.68 9.20
N GLN A 362 -14.20 -1.56 8.48
CA GLN A 362 -14.76 -1.47 7.14
C GLN A 362 -13.93 -2.05 5.99
N ARG A 363 -14.53 -1.99 4.80
CA ARG A 363 -13.94 -2.45 3.54
C ARG A 363 -13.12 -1.27 2.97
N GLN A 364 -12.00 -0.96 3.61
CA GLN A 364 -11.17 0.16 3.21
C GLN A 364 -10.53 0.06 1.83
N PRO A 365 -10.75 1.09 1.00
CA PRO A 365 -10.21 1.18 -0.37
C PRO A 365 -8.76 1.71 -0.33
N HIS A 366 -7.86 1.10 -1.11
CA HIS A 366 -6.44 1.50 -1.15
C HIS A 366 -6.21 2.92 -1.60
N LEU A 367 -7.07 3.39 -2.50
CA LEU A 367 -7.01 4.76 -3.02
C LEU A 367 -5.64 5.26 -3.49
N PRO A 368 -5.00 4.51 -4.41
CA PRO A 368 -3.70 4.96 -4.91
C PRO A 368 -4.02 6.06 -5.93
N ILE A 369 -3.17 7.08 -6.02
CA ILE A 369 -3.44 8.16 -6.97
C ILE A 369 -3.45 7.62 -8.41
N GLU A 370 -2.61 6.63 -8.69
CA GLU A 370 -2.59 6.02 -10.02
C GLU A 370 -3.48 4.79 -10.10
N PRO A 371 -4.52 4.83 -10.94
CA PRO A 371 -5.42 3.65 -11.06
C PRO A 371 -4.61 2.49 -11.64
N ASP A 372 -5.13 1.27 -11.60
CA ASP A 372 -4.37 0.13 -12.14
C ASP A 372 -3.98 0.24 -13.61
N VAL A 373 -2.87 -0.39 -13.99
CA VAL A 373 -2.45 -0.31 -15.39
C VAL A 373 -1.37 -1.33 -15.66
N GLY A 374 -1.33 -1.78 -16.91
CA GLY A 374 -0.32 -2.75 -17.31
C GLY A 374 -0.38 -3.01 -18.80
N TYR A 375 0.63 -3.69 -19.32
CA TYR A 375 0.71 -4.08 -20.74
C TYR A 375 1.40 -5.43 -20.92
N GLY A 376 1.41 -5.96 -22.13
CA GLY A 376 2.05 -7.24 -22.38
C GLY A 376 2.41 -7.40 -23.84
N TYR A 377 3.21 -8.41 -24.17
CA TYR A 377 3.62 -8.63 -25.56
C TYR A 377 4.25 -9.98 -25.77
N ILE A 378 4.53 -10.32 -27.02
CA ILE A 378 5.16 -11.59 -27.30
C ILE A 378 6.65 -11.39 -27.42
N ASN A 379 7.34 -12.18 -26.63
CA ASN A 379 8.80 -12.19 -26.56
C ASN A 379 9.48 -12.65 -27.86
N GLU A 380 10.76 -12.31 -28.01
CA GLU A 380 11.53 -12.70 -29.20
C GLU A 380 11.92 -14.16 -29.07
N GLN A 381 11.37 -14.82 -28.05
CA GLN A 381 11.64 -16.25 -27.81
C GLN A 381 10.31 -16.98 -27.61
N GLY A 382 9.24 -16.32 -28.04
CA GLY A 382 7.92 -16.92 -27.93
C GLY A 382 7.25 -16.84 -26.57
N GLN A 383 7.85 -16.16 -25.61
CA GLN A 383 7.24 -16.05 -24.28
C GLN A 383 6.24 -14.89 -24.18
N VAL A 384 5.25 -15.01 -23.30
CA VAL A 384 4.31 -13.92 -23.10
C VAL A 384 4.95 -13.10 -21.98
N VAL A 385 5.21 -11.82 -22.24
CA VAL A 385 5.81 -10.96 -21.22
C VAL A 385 4.74 -9.99 -20.71
N ILE A 386 4.55 -9.93 -19.39
CA ILE A 386 3.55 -9.03 -18.85
C ILE A 386 4.13 -8.01 -17.85
N HIS A 387 3.85 -6.73 -18.10
CA HIS A 387 4.30 -5.63 -17.25
C HIS A 387 3.11 -5.14 -16.44
N SER A 388 3.30 -4.96 -15.14
CA SER A 388 2.21 -4.47 -14.31
C SER A 388 2.78 -3.93 -13.02
N LYS A 389 1.87 -3.59 -12.11
CA LYS A 389 2.26 -3.09 -10.82
C LYS A 389 2.45 -4.23 -9.79
N SER A 390 2.27 -5.47 -10.22
CA SER A 390 2.44 -6.65 -9.36
C SER A 390 3.61 -6.48 -8.37
N VAL A 391 3.35 -6.73 -7.07
CA VAL A 391 4.42 -6.64 -6.08
C VAL A 391 4.81 -8.04 -5.61
N ALA A 392 4.57 -9.03 -6.47
CA ALA A 392 4.85 -10.46 -6.21
C ALA A 392 4.90 -11.19 -7.56
N ILE A 393 5.82 -10.76 -8.40
CA ILE A 393 5.97 -11.29 -9.75
C ILE A 393 6.12 -12.80 -9.92
N HIS A 394 6.86 -13.44 -9.04
CA HIS A 394 7.03 -14.88 -9.12
C HIS A 394 5.76 -15.57 -8.67
N LEU A 395 5.11 -15.03 -7.64
CA LEU A 395 3.88 -15.63 -7.13
C LEU A 395 2.72 -15.51 -8.12
N HIS A 396 2.61 -14.34 -8.76
CA HIS A 396 1.52 -14.13 -9.71
C HIS A 396 1.68 -14.95 -10.98
N ALA A 397 2.91 -15.20 -11.37
CA ALA A 397 3.15 -15.99 -12.57
C ALA A 397 2.56 -17.38 -12.32
N LEU A 398 2.83 -17.94 -11.16
CA LEU A 398 2.33 -19.25 -10.78
C LEU A 398 0.80 -19.24 -10.63
N MET A 399 0.25 -18.14 -10.18
CA MET A 399 -1.19 -18.04 -9.99
C MET A 399 -1.98 -17.95 -11.26
N ILE A 400 -1.35 -17.49 -12.34
CA ILE A 400 -2.08 -17.31 -13.58
C ILE A 400 -1.72 -18.24 -14.72
N ALA A 401 -0.51 -18.76 -14.70
CA ALA A 401 -0.05 -19.65 -15.76
C ALA A 401 -1.00 -20.78 -16.19
N PRO A 402 -1.53 -21.59 -15.23
CA PRO A 402 -2.43 -22.70 -15.60
C PRO A 402 -3.72 -22.26 -16.29
N GLY A 403 -4.30 -21.16 -15.83
CA GLY A 403 -5.53 -20.66 -16.42
C GLY A 403 -5.36 -20.06 -17.81
N LEU A 404 -4.11 -19.73 -18.17
CA LEU A 404 -3.79 -19.15 -19.47
C LEU A 404 -3.34 -20.28 -20.38
N GLY A 405 -3.00 -21.40 -19.77
CA GLY A 405 -2.53 -22.55 -20.53
C GLY A 405 -1.06 -22.40 -20.85
N LEU A 406 -0.33 -21.76 -19.92
CA LEU A 406 1.10 -21.53 -20.09
C LEU A 406 1.89 -22.18 -18.97
N GLU A 407 3.20 -22.19 -19.15
CA GLU A 407 4.10 -22.75 -18.16
C GLU A 407 5.19 -21.79 -17.76
N PHE A 408 5.34 -21.61 -16.46
CA PHE A 408 6.37 -20.75 -15.91
C PHE A 408 7.54 -21.67 -15.58
N PRO A 409 8.75 -21.26 -15.93
CA PRO A 409 9.06 -19.97 -16.57
C PRO A 409 9.41 -20.02 -18.05
N LYS A 410 9.06 -21.12 -18.73
CA LYS A 410 9.39 -21.25 -20.14
C LYS A 410 8.49 -20.47 -21.14
N ASP A 411 7.22 -20.28 -20.82
CA ASP A 411 6.38 -19.53 -21.73
C ASP A 411 5.99 -18.17 -21.19
N LEU A 412 6.25 -17.92 -19.92
CA LEU A 412 5.83 -16.67 -19.29
C LEU A 412 6.87 -15.84 -18.54
N VAL A 413 6.81 -14.52 -18.72
CA VAL A 413 7.73 -13.61 -18.03
C VAL A 413 6.93 -12.47 -17.44
N LEU A 414 7.18 -12.14 -16.18
CA LEU A 414 6.50 -11.03 -15.52
C LEU A 414 7.52 -9.94 -15.15
N VAL A 415 7.14 -8.68 -15.38
CA VAL A 415 8.00 -7.51 -15.09
C VAL A 415 7.19 -6.44 -14.33
N GLN A 416 7.71 -5.94 -13.21
CA GLN A 416 7.01 -4.90 -12.47
C GLN A 416 7.42 -3.53 -13.02
N ASN A 417 6.47 -2.76 -13.54
CA ASN A 417 6.79 -1.42 -14.02
C ASN A 417 6.97 -0.53 -12.78
N THR A 418 7.32 0.73 -13.01
CA THR A 418 7.45 1.71 -11.95
C THR A 418 6.00 1.89 -11.46
N THR A 419 5.80 1.65 -10.18
CA THR A 419 4.48 1.70 -9.57
C THR A 419 4.16 2.97 -8.79
N GLY A 420 2.96 3.50 -9.03
CA GLY A 420 2.51 4.71 -8.34
C GLY A 420 1.68 4.30 -7.13
N GLY A 421 2.24 3.45 -6.28
CA GLY A 421 1.58 2.99 -5.07
C GLY A 421 0.54 1.91 -5.21
N THR A 422 0.47 1.00 -4.22
CA THR A 422 -0.52 -0.08 -4.24
C THR A 422 -1.14 -0.28 -2.85
N PHE A 423 -0.30 -0.09 -1.83
CA PHE A 423 -0.72 -0.25 -0.44
C PHE A 423 -1.25 -1.63 -0.12
N GLY A 424 -0.98 -2.56 -1.03
CA GLY A 424 -1.40 -3.93 -0.86
C GLY A 424 -2.21 -4.56 -1.98
N TYR A 425 -3.09 -3.81 -2.64
CA TYR A 425 -3.94 -4.37 -3.69
C TYR A 425 -3.21 -5.20 -4.74
N LYS A 426 -1.92 -4.97 -4.88
CA LYS A 426 -1.13 -5.70 -5.85
C LYS A 426 -0.53 -6.98 -5.35
N PHE A 427 -0.88 -7.37 -4.12
CA PHE A 427 -0.43 -8.65 -3.60
C PHE A 427 -1.33 -9.62 -4.38
N SER A 428 -2.40 -9.08 -4.96
CA SER A 428 -3.39 -9.82 -5.76
C SER A 428 -3.29 -9.53 -7.23
N PRO A 429 -3.46 -10.57 -8.06
CA PRO A 429 -3.39 -10.34 -9.51
C PRO A 429 -4.62 -9.55 -9.92
N THR A 430 -4.45 -8.46 -10.64
CA THR A 430 -5.60 -7.68 -11.09
C THR A 430 -5.89 -7.86 -12.57
N MET A 431 -4.99 -7.42 -13.45
CA MET A 431 -5.26 -7.55 -14.87
C MET A 431 -4.20 -8.28 -15.69
N GLU A 432 -3.33 -8.98 -14.98
CA GLU A 432 -2.25 -9.76 -15.58
C GLU A 432 -2.71 -10.89 -16.50
N ALA A 433 -3.79 -11.58 -16.14
CA ALA A 433 -4.29 -12.67 -16.98
C ALA A 433 -5.07 -12.13 -18.17
N LEU A 434 -5.82 -11.05 -17.95
CA LEU A 434 -6.62 -10.39 -18.99
C LEU A 434 -5.72 -9.92 -20.14
N VAL A 435 -4.60 -9.28 -19.79
CA VAL A 435 -3.64 -8.80 -20.77
C VAL A 435 -3.01 -10.03 -21.45
N GLY A 436 -2.67 -11.04 -20.66
CA GLY A 436 -2.08 -12.24 -21.20
C GLY A 436 -3.05 -12.91 -22.14
N VAL A 437 -4.34 -12.94 -21.79
CA VAL A 437 -5.34 -13.55 -22.65
C VAL A 437 -5.37 -12.84 -24.01
N ALA A 438 -5.38 -11.52 -23.96
CA ALA A 438 -5.41 -10.68 -25.15
C ALA A 438 -4.16 -10.81 -26.03
N VAL A 439 -3.00 -10.85 -25.38
CA VAL A 439 -1.73 -10.97 -26.06
C VAL A 439 -1.67 -12.29 -26.82
N MET A 440 -2.08 -13.38 -26.19
CA MET A 440 -2.05 -14.71 -26.83
C MET A 440 -2.99 -14.81 -28.03
N ALA A 441 -4.19 -14.25 -27.89
CA ALA A 441 -5.17 -14.28 -28.96
C ALA A 441 -4.77 -13.49 -30.20
N THR A 442 -4.18 -12.32 -29.97
CA THR A 442 -3.82 -11.47 -31.10
C THR A 442 -2.36 -11.56 -31.55
N GLY A 443 -1.46 -11.84 -30.63
CA GLY A 443 -0.04 -11.92 -30.98
C GLY A 443 0.62 -10.55 -31.02
N ARG A 444 -0.10 -9.52 -30.58
CA ARG A 444 0.38 -8.14 -30.57
C ARG A 444 0.48 -7.52 -29.19
N PRO A 445 1.27 -6.42 -29.07
CA PRO A 445 1.41 -5.76 -27.76
C PRO A 445 0.02 -5.19 -27.35
N CYS A 446 -0.41 -5.38 -26.11
CA CYS A 446 -1.68 -4.81 -25.66
C CYS A 446 -1.47 -3.98 -24.40
N HIS A 447 -2.17 -2.86 -24.31
CA HIS A 447 -2.07 -1.99 -23.15
C HIS A 447 -3.46 -1.82 -22.54
N LEU A 448 -3.56 -2.21 -21.28
CA LEU A 448 -4.82 -2.12 -20.55
C LEU A 448 -4.69 -1.12 -19.45
N ARG A 449 -5.60 -0.16 -19.45
CA ARG A 449 -5.61 0.90 -18.46
C ARG A 449 -7.00 1.03 -17.83
N TYR A 450 -7.04 1.09 -16.50
CA TYR A 450 -8.28 1.24 -15.73
C TYR A 450 -8.54 2.71 -15.46
N ASN A 451 -9.79 3.14 -15.46
CA ASN A 451 -10.08 4.53 -15.09
C ASN A 451 -10.25 4.44 -13.55
N TYR A 452 -10.40 5.56 -12.85
CA TYR A 452 -10.53 5.47 -11.41
C TYR A 452 -11.75 4.73 -10.89
N GLU A 453 -12.80 4.66 -11.69
CA GLU A 453 -14.00 3.97 -11.27
C GLU A 453 -13.74 2.45 -11.25
N GLN A 454 -12.81 1.99 -12.08
CA GLN A 454 -12.45 0.57 -12.16
C GLN A 454 -11.42 0.22 -11.09
N GLN A 455 -10.60 1.19 -10.75
CA GLN A 455 -9.62 1.01 -9.70
C GLN A 455 -10.46 0.77 -8.45
N GLN A 456 -11.56 1.49 -8.35
CA GLN A 456 -12.46 1.34 -7.22
C GLN A 456 -13.35 0.09 -7.27
N ASN A 457 -14.04 -0.16 -8.38
CA ASN A 457 -14.93 -1.33 -8.45
C ASN A 457 -14.33 -2.67 -8.92
N TYR A 458 -13.06 -2.65 -9.31
CA TYR A 458 -12.46 -3.89 -9.77
C TYR A 458 -11.04 -4.20 -9.30
N THR A 459 -10.78 -3.95 -8.03
CA THR A 459 -9.50 -4.30 -7.39
C THR A 459 -9.90 -4.65 -5.96
N GLY A 460 -9.15 -5.54 -5.33
CA GLY A 460 -9.49 -5.97 -3.98
C GLY A 460 -9.60 -4.84 -2.99
N LYS A 461 -10.22 -5.14 -1.85
CA LYS A 461 -10.37 -4.14 -0.81
C LYS A 461 -9.95 -4.77 0.49
N ARG A 462 -9.77 -3.96 1.52
CA ARG A 462 -9.47 -4.52 2.84
C ARG A 462 -10.78 -5.25 3.18
N SER A 463 -10.71 -6.44 3.76
CA SER A 463 -11.91 -7.20 4.11
C SER A 463 -12.43 -6.81 5.47
N PRO A 464 -13.72 -6.45 5.58
CA PRO A 464 -14.22 -6.07 6.92
C PRO A 464 -14.20 -7.19 7.96
N PHE A 465 -13.89 -6.85 9.20
CA PHE A 465 -13.85 -7.81 10.30
C PHE A 465 -14.92 -7.51 11.31
N TRP A 466 -15.71 -8.52 11.67
CA TRP A 466 -16.73 -8.35 12.69
C TRP A 466 -16.13 -9.05 13.89
N THR A 467 -15.90 -8.30 14.95
CA THR A 467 -15.26 -8.89 16.11
C THR A 467 -16.05 -8.69 17.37
N THR A 468 -16.19 -9.79 18.13
CA THR A 468 -16.85 -9.79 19.43
C THR A 468 -15.78 -10.43 20.31
N MET A 469 -15.31 -9.68 21.29
CA MET A 469 -14.28 -10.18 22.19
C MET A 469 -14.47 -9.66 23.62
N ARG A 470 -13.70 -10.22 24.56
CA ARG A 470 -13.79 -9.81 25.97
C ARG A 470 -12.58 -10.18 26.82
N TYR A 471 -12.29 -9.32 27.78
CA TYR A 471 -11.20 -9.52 28.72
C TYR A 471 -11.72 -9.87 30.13
N ALA A 472 -10.97 -10.66 30.88
CA ALA A 472 -11.33 -11.01 32.25
C ALA A 472 -10.12 -10.59 33.05
N ALA A 473 -10.26 -9.57 33.88
CA ALA A 473 -9.15 -9.10 34.67
C ALA A 473 -9.47 -9.17 36.16
N ASP A 474 -8.44 -9.10 37.00
CA ASP A 474 -8.65 -9.10 38.45
C ASP A 474 -8.82 -7.64 38.89
N ARG A 475 -9.12 -7.41 40.17
CA ARG A 475 -9.35 -6.05 40.67
C ARG A 475 -8.14 -5.15 40.55
N GLN A 476 -6.96 -5.76 40.53
CA GLN A 476 -5.71 -5.02 40.43
C GLN A 476 -5.36 -4.61 39.01
N GLY A 477 -6.07 -5.18 38.04
CA GLY A 477 -5.85 -4.83 36.64
C GLY A 477 -5.16 -5.85 35.74
N LYS A 478 -4.76 -6.98 36.28
CA LYS A 478 -4.08 -7.99 35.46
C LYS A 478 -5.09 -8.79 34.62
N ILE A 479 -4.90 -8.77 33.29
CA ILE A 479 -5.77 -9.50 32.37
C ILE A 479 -5.41 -11.00 32.49
N LEU A 480 -6.42 -11.83 32.80
CA LEU A 480 -6.25 -13.28 33.02
C LEU A 480 -6.74 -14.16 31.88
N ALA A 481 -7.72 -13.66 31.13
CA ALA A 481 -8.27 -14.41 30.01
C ALA A 481 -8.85 -13.47 28.98
N MET A 482 -9.04 -14.01 27.79
CA MET A 482 -9.58 -13.25 26.67
C MET A 482 -10.29 -14.24 25.74
N GLU A 483 -11.53 -13.93 25.38
CA GLU A 483 -12.25 -14.79 24.46
C GLU A 483 -12.55 -13.92 23.27
N THR A 484 -12.29 -14.44 22.07
CA THR A 484 -12.48 -13.68 20.83
C THR A 484 -13.22 -14.46 19.71
N ASP A 485 -13.95 -13.72 18.88
CA ASP A 485 -14.68 -14.29 17.74
C ASP A 485 -14.62 -13.28 16.60
N TRP A 486 -14.29 -13.75 15.40
CA TRP A 486 -14.23 -12.82 14.28
C TRP A 486 -14.69 -13.41 12.97
N SER A 487 -15.30 -12.57 12.15
CA SER A 487 -15.80 -12.98 10.84
C SER A 487 -15.24 -12.05 9.76
N VAL A 488 -14.54 -12.65 8.80
CA VAL A 488 -13.92 -11.92 7.70
C VAL A 488 -14.76 -11.96 6.42
N ASP A 489 -15.32 -10.82 6.04
CA ASP A 489 -16.10 -10.69 4.83
C ASP A 489 -15.05 -10.59 3.72
N HIS A 490 -14.93 -11.65 2.92
CA HIS A 490 -13.92 -11.65 1.90
C HIS A 490 -14.37 -11.49 0.46
N GLY A 491 -15.62 -11.13 0.23
CA GLY A 491 -16.05 -11.02 -1.15
C GLY A 491 -16.12 -12.41 -1.77
N PRO A 492 -16.22 -12.53 -3.10
CA PRO A 492 -16.31 -13.83 -3.78
C PRO A 492 -15.04 -14.64 -4.09
N TYR A 493 -13.88 -13.97 -4.11
CA TYR A 493 -12.61 -14.61 -4.43
C TYR A 493 -11.70 -14.84 -3.20
N SER A 494 -11.42 -16.11 -2.93
CA SER A 494 -10.65 -16.55 -1.79
C SER A 494 -9.13 -16.35 -1.64
N GLU A 495 -8.41 -15.96 -2.70
CA GLU A 495 -6.95 -15.80 -2.59
C GLU A 495 -6.48 -15.12 -1.30
N PHE A 496 -5.75 -15.89 -0.48
CA PHE A 496 -5.20 -15.42 0.80
C PHE A 496 -6.22 -15.16 1.93
N GLY A 497 -7.49 -15.44 1.66
CA GLY A 497 -8.54 -15.24 2.65
C GLY A 497 -8.38 -16.03 3.95
N ASP A 498 -8.01 -17.31 3.87
CA ASP A 498 -7.80 -18.12 5.06
C ASP A 498 -6.59 -17.65 5.85
N LEU A 499 -5.56 -17.21 5.13
CA LEU A 499 -4.33 -16.69 5.73
C LEU A 499 -4.64 -15.45 6.55
N LEU A 500 -5.51 -14.61 6.00
CA LEU A 500 -5.94 -13.39 6.67
C LEU A 500 -6.70 -13.77 7.95
N THR A 501 -7.52 -14.81 7.86
CA THR A 501 -8.30 -15.28 8.98
C THR A 501 -7.40 -15.79 10.12
N LEU A 502 -6.30 -16.44 9.76
CA LEU A 502 -5.36 -16.91 10.78
C LEU A 502 -4.79 -15.68 11.46
N ARG A 503 -4.57 -14.62 10.68
CA ARG A 503 -4.02 -13.35 11.19
C ARG A 503 -4.79 -12.85 12.40
N GLY A 504 -6.04 -13.25 12.51
CA GLY A 504 -6.85 -12.82 13.63
C GLY A 504 -6.49 -13.57 14.88
N ALA A 505 -6.15 -14.84 14.75
CA ALA A 505 -5.77 -15.67 15.88
C ALA A 505 -4.43 -15.19 16.43
N GLN A 506 -3.62 -14.59 15.55
CA GLN A 506 -2.31 -14.09 15.93
C GLN A 506 -2.31 -12.68 16.53
N TYR A 507 -3.20 -11.81 16.07
CA TYR A 507 -3.16 -10.42 16.52
C TYR A 507 -4.18 -9.77 17.45
N ILE A 508 -5.36 -10.36 17.68
CA ILE A 508 -6.32 -9.72 18.58
C ILE A 508 -5.78 -9.76 20.00
N GLY A 509 -5.45 -8.60 20.56
CA GLY A 509 -4.91 -8.55 21.90
C GLY A 509 -3.38 -8.64 21.95
N ALA A 510 -2.72 -8.68 20.79
CA ALA A 510 -1.25 -8.76 20.75
C ALA A 510 -0.59 -7.58 21.49
N GLY A 511 0.54 -7.86 22.15
CA GLY A 511 1.24 -6.85 22.90
C GLY A 511 1.09 -7.04 24.40
N TYR A 512 0.15 -7.89 24.81
CA TYR A 512 -0.08 -8.13 26.23
C TYR A 512 0.15 -9.58 26.62
N GLY A 513 0.61 -9.80 27.84
CA GLY A 513 0.84 -11.15 28.31
C GLY A 513 -0.47 -11.73 28.83
N ILE A 514 -1.23 -12.37 27.96
CA ILE A 514 -2.50 -12.96 28.35
C ILE A 514 -2.32 -14.48 28.32
N ALA A 515 -2.21 -15.06 29.51
CA ALA A 515 -1.97 -16.51 29.66
C ALA A 515 -2.95 -17.50 29.03
N ASN A 516 -4.26 -17.16 29.07
CA ASN A 516 -5.28 -18.05 28.52
C ASN A 516 -6.19 -17.38 27.49
N ILE A 517 -6.30 -18.00 26.31
CA ILE A 517 -7.12 -17.49 25.21
C ILE A 517 -7.93 -18.57 24.50
N ARG A 518 -9.20 -18.26 24.20
CA ARG A 518 -10.07 -19.16 23.45
C ARG A 518 -10.83 -18.31 22.42
N GLY A 519 -10.64 -18.62 21.14
CA GLY A 519 -11.31 -17.88 20.08
C GLY A 519 -11.69 -18.72 18.88
N THR A 520 -12.63 -18.20 18.08
CA THR A 520 -13.10 -18.87 16.87
C THR A 520 -13.17 -17.86 15.70
N GLY A 521 -12.44 -18.16 14.63
CA GLY A 521 -12.37 -17.30 13.46
C GLY A 521 -13.18 -17.81 12.30
N ARG A 522 -13.39 -16.97 11.27
CA ARG A 522 -14.26 -17.36 10.18
C ARG A 522 -14.09 -16.57 8.87
N THR A 523 -13.99 -17.28 7.75
CA THR A 523 -13.89 -16.61 6.45
C THR A 523 -15.21 -16.80 5.70
N VAL A 524 -15.88 -15.71 5.41
CA VAL A 524 -17.16 -15.81 4.71
C VAL A 524 -17.17 -15.12 3.35
N ALA A 525 -17.69 -15.85 2.36
CA ALA A 525 -17.81 -15.39 0.99
C ALA A 525 -19.04 -14.51 0.85
N THR A 526 -18.89 -13.34 0.26
CA THR A 526 -20.04 -12.45 0.06
C THR A 526 -19.99 -11.99 -1.39
N ASN A 527 -20.97 -11.19 -1.82
CA ASN A 527 -21.01 -10.67 -3.18
C ASN A 527 -20.41 -9.25 -3.29
N HIS A 528 -19.81 -8.75 -2.19
CA HIS A 528 -19.18 -7.43 -2.24
C HIS A 528 -17.75 -7.60 -2.75
N CYS A 529 -17.04 -6.49 -2.98
CA CYS A 529 -15.69 -6.54 -3.54
C CYS A 529 -14.74 -7.53 -2.87
N TRP A 530 -14.03 -8.33 -3.66
CA TRP A 530 -13.11 -9.30 -3.07
C TRP A 530 -11.97 -8.65 -2.27
N GLY A 531 -11.42 -9.44 -1.35
CA GLY A 531 -10.36 -8.93 -0.52
C GLY A 531 -8.96 -9.11 -1.06
N ALA A 532 -8.23 -8.00 -1.11
CA ALA A 532 -6.83 -8.02 -1.52
C ALA A 532 -6.12 -7.47 -0.29
N ALA A 533 -4.91 -7.96 0.00
CA ALA A 533 -4.16 -7.50 1.17
C ALA A 533 -4.16 -5.98 1.26
N PHE A 534 -4.20 -5.44 2.47
CA PHE A 534 -4.14 -3.99 2.64
C PHE A 534 -3.21 -3.73 3.82
N ARG A 535 -2.22 -2.87 3.57
CA ARG A 535 -1.22 -2.46 4.57
C ARG A 535 -1.73 -2.63 5.99
N GLY A 536 -1.30 -3.72 6.64
CA GLY A 536 -1.71 -4.02 8.00
C GLY A 536 -2.11 -5.47 8.00
N TYR A 537 -2.65 -5.89 6.87
CA TYR A 537 -3.10 -7.24 6.59
C TYR A 537 -3.44 -8.07 7.85
N GLY A 538 -4.52 -7.67 8.54
CA GLY A 538 -4.93 -8.37 9.74
C GLY A 538 -4.64 -7.63 11.02
N ALA A 539 -3.64 -6.76 11.04
CA ALA A 539 -3.34 -6.03 12.28
C ALA A 539 -4.36 -4.94 12.59
N PRO A 540 -4.59 -4.01 11.64
CA PRO A 540 -5.56 -2.92 11.87
C PRO A 540 -6.94 -3.43 12.27
N GLU A 541 -7.32 -4.57 11.69
CA GLU A 541 -8.64 -5.14 11.95
C GLU A 541 -8.78 -5.94 13.23
N SER A 542 -7.67 -6.45 13.71
CA SER A 542 -7.66 -7.24 14.94
C SER A 542 -7.40 -6.42 16.18
N GLU A 543 -6.48 -5.47 16.04
CA GLU A 543 -6.08 -4.64 17.14
C GLU A 543 -6.97 -3.45 17.41
N PHE A 544 -7.84 -3.13 16.47
CA PHE A 544 -8.76 -2.04 16.71
C PHE A 544 -9.68 -2.47 17.86
N PRO A 545 -10.37 -3.64 17.71
CA PRO A 545 -11.27 -4.10 18.78
C PRO A 545 -10.61 -4.29 20.16
N SER A 546 -9.47 -4.97 20.18
CA SER A 546 -8.76 -5.24 21.43
C SER A 546 -8.21 -3.99 22.09
N GLU A 547 -7.83 -3.02 21.27
CA GLU A 547 -7.31 -1.75 21.80
C GLU A 547 -8.42 -0.82 22.26
N VAL A 548 -9.61 -0.92 21.66
CA VAL A 548 -10.73 -0.07 22.10
C VAL A 548 -11.33 -0.69 23.36
N LEU A 549 -11.48 -2.01 23.38
CA LEU A 549 -11.99 -2.72 24.55
C LEU A 549 -11.08 -2.51 25.75
N MET A 550 -9.78 -2.40 25.48
CA MET A 550 -8.76 -2.17 26.50
C MET A 550 -9.10 -0.88 27.27
N ASP A 551 -9.49 0.15 26.54
CA ASP A 551 -9.88 1.41 27.18
C ASP A 551 -11.19 1.28 27.93
N GLU A 552 -12.08 0.42 27.41
CA GLU A 552 -13.38 0.17 28.02
C GLU A 552 -13.18 -0.56 29.35
N LEU A 553 -12.19 -1.45 29.38
CA LEU A 553 -11.84 -2.20 30.57
C LEU A 553 -11.21 -1.25 31.60
N ALA A 554 -10.35 -0.36 31.12
CA ALA A 554 -9.66 0.61 31.98
C ALA A 554 -10.66 1.45 32.76
N GLU A 555 -11.74 1.84 32.09
CA GLU A 555 -12.80 2.66 32.69
C GLU A 555 -13.59 1.88 33.73
N LYS A 556 -13.77 0.58 33.48
CA LYS A 556 -14.48 -0.28 34.41
C LYS A 556 -13.63 -0.52 35.69
N LEU A 557 -12.30 -0.59 35.55
CA LEU A 557 -11.37 -0.78 36.68
C LEU A 557 -11.05 0.54 37.41
N GLY A 558 -11.31 1.68 36.75
CA GLY A 558 -11.02 2.98 37.35
C GLY A 558 -9.55 3.35 37.24
N MET A 559 -8.83 2.71 36.31
CA MET A 559 -7.41 2.96 36.07
C MET A 559 -7.14 3.75 34.82
N ASP A 560 -5.96 4.38 34.75
CA ASP A 560 -5.56 5.17 33.58
C ASP A 560 -5.31 4.21 32.41
N PRO A 561 -5.87 4.52 31.23
CA PRO A 561 -5.72 3.68 30.03
C PRO A 561 -4.26 3.42 29.64
N PHE A 562 -3.44 4.45 29.74
CA PHE A 562 -2.03 4.34 29.41
C PHE A 562 -1.33 3.46 30.44
N GLU A 563 -1.57 3.73 31.72
CA GLU A 563 -0.93 2.97 32.78
C GLU A 563 -1.36 1.51 32.78
N LEU A 564 -2.61 1.26 32.45
CA LEU A 564 -3.12 -0.09 32.40
C LEU A 564 -2.32 -0.89 31.38
N ARG A 565 -2.13 -0.33 30.19
CA ARG A 565 -1.39 -0.98 29.13
C ARG A 565 0.02 -1.28 29.60
N ALA A 566 0.64 -0.27 30.20
CA ALA A 566 1.99 -0.35 30.74
C ALA A 566 2.13 -1.52 31.70
N LEU A 567 1.01 -1.87 32.34
CA LEU A 567 0.96 -2.95 33.29
C LEU A 567 0.91 -4.35 32.67
N ASN A 568 0.17 -4.49 31.58
CA ASN A 568 0.02 -5.80 30.93
C ASN A 568 0.96 -6.18 29.78
N CYS A 569 1.69 -5.20 29.22
CA CYS A 569 2.59 -5.47 28.10
C CYS A 569 3.64 -6.57 28.37
N TYR A 570 4.18 -7.15 27.31
CA TYR A 570 5.17 -8.22 27.45
C TYR A 570 6.32 -7.94 28.39
N ARG A 571 6.67 -8.96 29.15
CA ARG A 571 7.77 -8.90 30.10
C ARG A 571 8.31 -10.32 30.16
N GLU A 572 9.59 -10.47 30.55
CA GLU A 572 10.26 -11.79 30.67
C GLU A 572 9.23 -12.77 31.24
N GLY A 573 8.98 -13.85 30.51
CA GLY A 573 7.97 -14.81 30.95
C GLY A 573 6.79 -14.86 30.01
N ASP A 574 6.30 -13.69 29.57
CA ASP A 574 5.17 -13.60 28.63
C ASP A 574 5.48 -14.07 27.24
N THR A 575 4.44 -14.54 26.56
CA THR A 575 4.57 -14.99 25.20
C THR A 575 3.50 -14.26 24.41
N THR A 576 3.51 -14.41 23.10
CA THR A 576 2.50 -13.76 22.28
C THR A 576 1.22 -14.57 22.36
N SER A 577 0.35 -14.35 21.40
CA SER A 577 -0.93 -15.05 21.36
C SER A 577 -0.79 -16.37 20.60
N SER A 578 0.42 -16.65 20.13
CA SER A 578 0.73 -17.89 19.41
C SER A 578 1.55 -18.75 20.36
N GLY A 579 1.91 -18.17 21.50
CA GLY A 579 2.71 -18.87 22.49
C GLY A 579 4.19 -18.69 22.22
N GLN A 580 4.51 -17.69 21.40
CA GLN A 580 5.88 -17.41 21.04
C GLN A 580 6.55 -16.35 21.91
N ILE A 581 7.78 -16.60 22.31
CA ILE A 581 8.50 -15.63 23.13
C ILE A 581 8.85 -14.46 22.20
N PRO A 582 8.55 -13.21 22.62
CA PRO A 582 8.85 -12.03 21.81
C PRO A 582 10.37 -11.89 21.55
N GLU A 583 10.77 -11.60 20.29
CA GLU A 583 12.19 -11.46 19.95
C GLU A 583 12.93 -10.31 20.62
N VAL A 584 12.21 -9.39 21.21
CA VAL A 584 12.80 -8.27 21.96
C VAL A 584 11.79 -7.93 23.06
N MET A 585 12.26 -7.28 24.12
CA MET A 585 11.41 -6.89 25.27
C MET A 585 11.54 -5.39 25.52
N SER A 586 11.35 -4.59 24.48
CA SER A 586 11.48 -3.14 24.60
C SER A 586 10.20 -2.40 24.85
N LEU A 587 9.13 -3.13 25.13
CA LEU A 587 7.86 -2.48 25.39
C LEU A 587 7.90 -1.55 26.61
N PRO A 588 8.42 -2.06 27.75
CA PRO A 588 8.49 -1.23 28.96
C PRO A 588 9.24 0.06 28.65
N GLU A 589 10.29 -0.09 27.85
CA GLU A 589 11.11 1.04 27.47
C GLU A 589 10.36 2.02 26.55
N MET A 590 9.47 1.48 25.72
CA MET A 590 8.69 2.31 24.82
C MET A 590 7.68 3.11 25.62
N PHE A 591 7.06 2.46 26.61
CA PHE A 591 6.09 3.16 27.45
C PHE A 591 6.75 4.27 28.25
N ASP A 592 8.01 4.06 28.62
CA ASP A 592 8.71 5.09 29.38
C ASP A 592 8.99 6.30 28.51
N LYS A 593 9.30 6.08 27.23
CA LYS A 593 9.57 7.21 26.33
C LYS A 593 8.28 7.95 25.97
N MET A 594 7.19 7.19 25.92
CA MET A 594 5.90 7.75 25.57
C MET A 594 5.30 8.53 26.71
N ARG A 595 5.49 8.05 27.93
CA ARG A 595 4.92 8.68 29.13
C ARG A 595 4.97 10.21 29.22
N PRO A 596 6.16 10.81 28.99
CA PRO A 596 6.23 12.27 29.05
C PRO A 596 5.26 12.93 28.05
N TYR A 597 5.16 12.39 26.84
CA TYR A 597 4.24 12.95 25.84
C TYR A 597 2.80 12.76 26.27
N TYR A 598 2.48 11.60 26.85
CA TYR A 598 1.11 11.32 27.31
C TYR A 598 0.56 12.33 28.32
N GLU A 599 1.31 12.51 29.40
CA GLU A 599 0.93 13.41 30.50
C GLU A 599 0.83 14.87 30.08
N GLU A 600 1.60 15.25 29.06
CA GLU A 600 1.55 16.61 28.57
C GLU A 600 0.26 16.80 27.80
N SER A 601 -0.11 15.79 27.01
CA SER A 601 -1.34 15.84 26.22
C SER A 601 -2.52 15.83 27.17
N LYS A 602 -2.36 15.16 28.31
CA LYS A 602 -3.40 15.09 29.32
C LYS A 602 -3.75 16.49 29.82
N LYS A 603 -2.72 17.23 30.24
CA LYS A 603 -2.90 18.60 30.72
C LYS A 603 -3.36 19.52 29.58
N ARG A 604 -2.60 19.53 28.49
CA ARG A 604 -2.85 20.34 27.29
C ARG A 604 -4.26 20.21 26.69
N VAL A 605 -4.81 19.01 26.72
CA VAL A 605 -6.15 18.73 26.17
C VAL A 605 -7.26 19.29 27.06
N LYS A 606 -7.12 19.13 28.38
CA LYS A 606 -8.09 19.64 29.34
C LYS A 606 -8.02 21.15 29.29
N GLU A 607 -6.79 21.67 29.29
CA GLU A 607 -6.53 23.11 29.25
C GLU A 607 -6.89 23.80 27.92
N ARG A 608 -7.34 23.05 26.91
CA ARG A 608 -7.71 23.62 25.60
C ARG A 608 -9.13 23.33 25.09
N SER A 609 -9.92 22.59 25.86
CA SER A 609 -11.29 22.29 25.48
C SER A 609 -12.21 23.52 25.57
N THR A 610 -13.02 23.74 24.53
CA THR A 610 -13.97 24.85 24.46
C THR A 610 -15.38 24.30 24.77
N ALA A 611 -16.35 25.19 24.97
CA ALA A 611 -17.71 24.75 25.20
C ALA A 611 -18.24 24.19 23.87
N GLU A 612 -17.73 24.70 22.75
CA GLU A 612 -18.17 24.22 21.44
C GLU A 612 -17.24 23.14 20.83
N ILE A 613 -15.99 23.14 21.25
CA ILE A 613 -15.00 22.16 20.77
C ILE A 613 -14.30 21.44 21.91
N LYS A 614 -14.74 20.22 22.21
CA LYS A 614 -14.10 19.45 23.28
C LYS A 614 -12.88 18.75 22.67
N ARG A 615 -11.78 18.68 23.41
CA ARG A 615 -10.60 18.02 22.90
C ARG A 615 -10.23 16.85 23.78
N GLY A 616 -9.73 15.78 23.16
CA GLY A 616 -9.35 14.60 23.93
C GLY A 616 -8.04 13.99 23.47
N VAL A 617 -7.53 13.03 24.25
CA VAL A 617 -6.28 12.33 23.92
C VAL A 617 -6.47 10.81 23.96
N GLY A 618 -5.91 10.11 22.98
CA GLY A 618 -6.02 8.68 22.92
C GLY A 618 -4.73 7.94 22.64
N VAL A 619 -4.54 6.78 23.26
CA VAL A 619 -3.35 5.96 23.03
C VAL A 619 -3.76 4.57 22.52
N ALA A 620 -2.79 3.84 21.97
CA ALA A 620 -3.03 2.50 21.46
C ALA A 620 -1.70 1.83 21.14
N LEU A 621 -1.67 0.52 21.35
CA LEU A 621 -0.50 -0.29 21.07
C LEU A 621 -0.74 -1.17 19.81
N GLY A 622 0.18 -1.13 18.86
CA GLY A 622 0.04 -1.94 17.66
C GLY A 622 1.26 -2.84 17.50
N VAL A 623 1.07 -4.07 17.02
CA VAL A 623 2.17 -5.03 16.79
C VAL A 623 1.89 -5.80 15.51
N TYR A 624 2.94 -6.10 14.76
CA TYR A 624 2.80 -6.89 13.54
C TYR A 624 4.12 -7.58 13.26
N GLY A 625 4.08 -8.64 12.47
CA GLY A 625 5.30 -9.36 12.14
C GLY A 625 5.94 -8.89 10.86
N ALA A 626 7.24 -9.14 10.75
CA ALA A 626 8.00 -8.81 9.55
C ALA A 626 8.26 -10.16 8.87
N GLY A 627 7.66 -10.37 7.70
CA GLY A 627 7.84 -11.60 6.96
C GLY A 627 6.59 -12.47 6.85
N LEU A 628 6.61 -13.40 5.90
CA LEU A 628 5.49 -14.32 5.73
C LEU A 628 5.67 -15.45 6.71
N ASP A 629 4.57 -16.05 7.13
CA ASP A 629 4.61 -17.12 8.12
C ASP A 629 5.65 -18.19 7.81
N GLY A 630 6.31 -18.70 8.86
CA GLY A 630 7.28 -19.76 8.72
C GLY A 630 8.61 -19.50 8.07
N PRO A 631 9.20 -20.56 7.48
CA PRO A 631 10.50 -20.52 6.81
C PRO A 631 10.49 -19.72 5.50
N ASP A 632 10.20 -18.43 5.64
CA ASP A 632 10.15 -17.50 4.52
C ASP A 632 11.58 -17.33 3.93
N THR A 633 11.70 -17.55 2.63
CA THR A 633 12.98 -17.47 1.95
C THR A 633 13.07 -16.36 0.88
N SER A 634 14.30 -15.92 0.61
CA SER A 634 14.57 -14.88 -0.39
C SER A 634 15.91 -15.19 -1.09
N GLU A 635 16.02 -14.74 -2.34
CA GLU A 635 17.19 -14.98 -3.18
C GLU A 635 17.70 -13.66 -3.75
N ALA A 636 18.97 -13.63 -4.13
CA ALA A 636 19.57 -12.43 -4.70
C ALA A 636 20.93 -12.77 -5.26
N TRP A 637 21.32 -12.10 -6.33
CA TRP A 637 22.65 -12.34 -6.86
C TRP A 637 23.42 -11.02 -6.96
N VAL A 638 24.74 -11.13 -6.89
CA VAL A 638 25.63 -9.98 -6.97
C VAL A 638 26.68 -10.42 -7.98
N GLU A 639 27.00 -9.54 -8.92
CA GLU A 639 27.97 -9.83 -9.97
C GLU A 639 29.08 -8.77 -10.09
N LEU A 640 30.33 -9.20 -10.04
CA LEU A 640 31.45 -8.27 -10.16
C LEU A 640 31.61 -7.85 -11.61
N ASN A 641 31.85 -6.56 -11.83
CA ASN A 641 32.02 -5.99 -13.18
C ASN A 641 33.48 -5.67 -13.42
N ASP A 642 33.83 -5.54 -14.71
CA ASP A 642 35.21 -5.25 -15.09
C ASP A 642 35.81 -3.97 -14.51
N ASP A 643 35.02 -2.90 -14.45
CA ASP A 643 35.50 -1.63 -13.91
C ASP A 643 35.51 -1.62 -12.38
N GLY A 644 35.33 -2.79 -11.77
CA GLY A 644 35.32 -2.88 -10.32
C GLY A 644 34.00 -2.48 -9.66
N SER A 645 32.95 -2.23 -10.45
CA SER A 645 31.64 -1.88 -9.89
C SER A 645 30.89 -3.16 -9.63
N VAL A 646 29.71 -3.04 -9.06
CA VAL A 646 28.89 -4.20 -8.74
C VAL A 646 27.43 -4.02 -9.20
N THR A 647 26.82 -5.09 -9.69
CA THR A 647 25.42 -5.08 -10.11
C THR A 647 24.63 -6.04 -9.21
N LEU A 648 23.65 -5.50 -8.49
CA LEU A 648 22.83 -6.26 -7.58
C LEU A 648 21.57 -6.68 -8.30
N GLY A 649 21.25 -7.97 -8.24
CA GLY A 649 20.04 -8.47 -8.86
C GLY A 649 19.06 -9.00 -7.83
N ASN A 650 17.89 -8.38 -7.74
CA ASN A 650 16.86 -8.84 -6.82
C ASN A 650 15.45 -8.63 -7.35
N SER A 651 14.46 -9.02 -6.56
CA SER A 651 13.06 -8.84 -6.94
C SER A 651 12.31 -8.20 -5.79
N TRP A 652 12.94 -7.17 -5.23
CA TRP A 652 12.38 -6.43 -4.14
C TRP A 652 11.42 -5.44 -4.79
N GLU A 653 10.17 -5.87 -4.96
CA GLU A 653 9.15 -5.04 -5.61
C GLU A 653 8.95 -3.70 -4.92
N ASP A 654 8.74 -2.67 -5.72
CA ASP A 654 8.60 -1.34 -5.17
C ASP A 654 7.21 -0.78 -5.33
N HIS A 655 6.52 -0.57 -4.21
CA HIS A 655 5.18 0.04 -4.24
C HIS A 655 5.46 1.55 -4.32
N GLY A 656 6.70 1.92 -4.03
CA GLY A 656 7.11 3.31 -4.00
C GLY A 656 7.64 3.58 -2.60
N GLN A 657 7.72 2.52 -1.78
CA GLN A 657 8.22 2.63 -0.41
C GLN A 657 9.72 2.90 -0.37
N GLY A 658 10.42 2.55 -1.44
CA GLY A 658 11.85 2.79 -1.47
C GLY A 658 12.65 1.51 -1.48
N ALA A 659 12.23 0.54 -2.29
CA ALA A 659 12.92 -0.74 -2.43
C ALA A 659 14.32 -0.51 -2.97
N ASP A 660 14.49 0.58 -3.73
CA ASP A 660 15.78 0.92 -4.32
C ASP A 660 16.81 1.39 -3.28
N ALA A 661 16.33 2.19 -2.34
CA ALA A 661 17.15 2.73 -1.25
C ALA A 661 17.55 1.58 -0.33
N GLY A 662 16.62 0.64 -0.16
CA GLY A 662 16.85 -0.52 0.69
C GLY A 662 17.87 -1.50 0.12
N SER A 663 17.82 -1.72 -1.18
CA SER A 663 18.76 -2.63 -1.80
C SER A 663 20.16 -2.02 -1.72
N LEU A 664 20.24 -0.72 -2.00
CA LEU A 664 21.51 -0.01 -2.00
C LEU A 664 22.16 0.11 -0.64
N GLY A 665 21.36 0.48 0.37
CA GLY A 665 21.87 0.62 1.71
C GLY A 665 22.38 -0.67 2.31
N THR A 666 21.66 -1.75 2.04
CA THR A 666 21.99 -3.10 2.53
C THR A 666 23.24 -3.65 1.81
N ALA A 667 23.30 -3.51 0.49
CA ALA A 667 24.46 -3.99 -0.27
C ALA A 667 25.69 -3.21 0.17
N HIS A 668 25.59 -1.89 0.11
CA HIS A 668 26.70 -1.02 0.49
C HIS A 668 27.28 -1.36 1.85
N GLU A 669 26.40 -1.52 2.83
CA GLU A 669 26.85 -1.84 4.16
C GLU A 669 27.60 -3.17 4.20
N ALA A 670 27.10 -4.18 3.48
CA ALA A 670 27.69 -5.52 3.45
C ALA A 670 28.98 -5.59 2.61
N LEU A 671 29.13 -4.67 1.66
CA LEU A 671 30.31 -4.60 0.79
C LEU A 671 31.41 -3.71 1.37
N ARG A 672 31.26 -3.24 2.61
CA ARG A 672 32.25 -2.34 3.23
C ARG A 672 33.72 -2.74 3.06
N PRO A 673 34.09 -4.00 3.35
CA PRO A 673 35.50 -4.40 3.20
C PRO A 673 36.12 -4.25 1.80
N LEU A 674 35.29 -4.08 0.78
CA LEU A 674 35.78 -3.90 -0.57
C LEU A 674 35.80 -2.43 -0.93
N GLY A 675 35.28 -1.62 -0.01
CA GLY A 675 35.22 -0.19 -0.23
C GLY A 675 34.32 0.32 -1.34
N ILE A 676 33.35 -0.48 -1.81
CA ILE A 676 32.44 -0.01 -2.86
C ILE A 676 31.67 1.22 -2.43
N THR A 677 31.66 2.23 -3.30
CA THR A 677 30.93 3.48 -3.04
C THR A 677 29.52 3.33 -3.62
N PRO A 678 28.57 4.15 -3.15
CA PRO A 678 27.18 4.11 -3.60
C PRO A 678 26.94 4.23 -5.09
N GLU A 679 27.73 5.04 -5.79
CA GLU A 679 27.53 5.20 -7.22
C GLU A 679 28.06 4.00 -8.02
N ASN A 680 28.68 3.05 -7.32
CA ASN A 680 29.23 1.85 -7.97
C ASN A 680 28.47 0.58 -7.63
N ILE A 681 27.18 0.73 -7.41
CA ILE A 681 26.31 -0.38 -7.11
C ILE A 681 25.14 -0.21 -8.07
N HIS A 682 25.17 -0.96 -9.16
CA HIS A 682 24.11 -0.94 -10.17
C HIS A 682 23.03 -1.90 -9.72
N LEU A 683 21.79 -1.62 -10.13
CA LEU A 683 20.66 -2.44 -9.72
C LEU A 683 19.81 -2.99 -10.85
N VAL A 684 19.66 -4.31 -10.88
CA VAL A 684 18.80 -4.99 -11.84
C VAL A 684 17.70 -5.58 -11.00
N MET A 685 16.49 -5.06 -11.14
CA MET A 685 15.38 -5.52 -10.32
C MET A 685 14.06 -5.80 -11.02
N ASN A 686 13.27 -6.63 -10.35
CA ASN A 686 11.94 -7.00 -10.77
C ASN A 686 11.67 -7.38 -12.22
N ASP A 687 12.17 -8.56 -12.58
CA ASP A 687 12.02 -9.12 -13.91
C ASP A 687 12.37 -10.61 -13.78
N THR A 688 11.35 -11.46 -13.85
CA THR A 688 11.53 -12.91 -13.71
C THR A 688 12.47 -13.57 -14.69
N SER A 689 12.86 -12.85 -15.73
CA SER A 689 13.77 -13.44 -16.69
C SER A 689 15.20 -13.03 -16.35
N LYS A 690 15.36 -12.11 -15.40
CA LYS A 690 16.68 -11.62 -15.02
C LYS A 690 16.98 -11.68 -13.54
N THR A 691 15.97 -11.42 -12.71
CA THR A 691 16.16 -11.39 -11.27
C THR A 691 15.54 -12.58 -10.57
N PRO A 692 16.22 -13.10 -9.52
CA PRO A 692 15.82 -14.25 -8.70
C PRO A 692 14.51 -14.06 -7.94
N ASN A 693 14.03 -15.13 -7.31
CA ASN A 693 12.77 -15.05 -6.56
C ASN A 693 12.98 -14.47 -5.17
N SER A 694 12.80 -13.17 -5.03
CA SER A 694 12.94 -12.55 -3.73
C SER A 694 11.68 -12.63 -2.87
N GLY A 695 10.55 -13.01 -3.46
CA GLY A 695 9.31 -13.08 -2.69
C GLY A 695 8.56 -11.77 -2.76
N PRO A 696 7.28 -11.72 -2.38
CA PRO A 696 6.52 -10.47 -2.43
C PRO A 696 6.92 -9.33 -1.49
N ALA A 697 6.66 -8.09 -1.93
CA ALA A 697 6.92 -6.91 -1.10
C ALA A 697 5.61 -6.76 -0.34
N GLY A 698 5.35 -7.73 0.52
CA GLY A 698 4.16 -7.73 1.34
C GLY A 698 4.57 -8.34 2.67
N GLY A 699 3.77 -8.17 3.71
CA GLY A 699 4.14 -8.74 4.99
C GLY A 699 5.27 -8.01 5.69
N SER A 700 5.68 -6.86 5.15
CA SER A 700 6.75 -6.05 5.69
C SER A 700 8.00 -6.91 5.84
N ARG A 701 8.20 -7.77 4.84
CA ARG A 701 9.29 -8.74 4.84
C ARG A 701 10.59 -8.39 4.11
N SER A 702 10.47 -7.63 3.03
CA SER A 702 11.61 -7.30 2.20
C SER A 702 12.95 -6.92 2.87
N GLN A 703 12.90 -5.93 3.78
CA GLN A 703 14.11 -5.48 4.47
C GLN A 703 14.81 -6.56 5.31
N VAL A 704 14.01 -7.46 5.89
CA VAL A 704 14.52 -8.53 6.76
C VAL A 704 14.95 -9.78 5.98
N VAL A 705 14.03 -10.34 5.22
CA VAL A 705 14.29 -11.55 4.45
C VAL A 705 15.17 -11.25 3.25
N THR A 706 14.70 -10.37 2.37
CA THR A 706 15.46 -9.99 1.18
C THR A 706 16.75 -9.28 1.55
N GLY A 707 16.69 -8.46 2.59
CA GLY A 707 17.88 -7.76 3.05
C GLY A 707 18.95 -8.79 3.37
N ASN A 708 18.55 -9.84 4.08
CA ASN A 708 19.48 -10.92 4.44
C ASN A 708 20.01 -11.68 3.23
N ALA A 709 19.17 -11.90 2.22
CA ALA A 709 19.62 -12.60 1.02
C ALA A 709 20.67 -11.75 0.31
N ILE A 710 20.45 -10.43 0.28
CA ILE A 710 21.37 -9.46 -0.33
C ILE A 710 22.66 -9.47 0.48
N ARG A 711 22.53 -9.39 1.80
CA ARG A 711 23.69 -9.43 2.71
C ARG A 711 24.57 -10.67 2.42
N VAL A 712 23.93 -11.84 2.37
CA VAL A 712 24.56 -13.14 2.13
C VAL A 712 25.25 -13.21 0.75
N ALA A 713 24.57 -12.76 -0.30
CA ALA A 713 25.17 -12.79 -1.62
C ALA A 713 26.44 -11.93 -1.68
N CYS A 714 26.48 -10.88 -0.88
CA CYS A 714 27.63 -10.00 -0.84
C CYS A 714 28.78 -10.66 -0.10
N GLU A 715 28.47 -11.36 0.99
CA GLU A 715 29.51 -12.04 1.77
C GLU A 715 30.18 -13.12 0.93
N MET A 716 29.43 -13.71 0.01
CA MET A 716 29.96 -14.73 -0.88
C MET A 716 30.86 -14.09 -1.92
N LEU A 717 30.46 -12.95 -2.46
CA LEU A 717 31.29 -12.26 -3.45
C LEU A 717 32.62 -11.88 -2.76
N ILE A 718 32.54 -11.37 -1.53
CA ILE A 718 33.72 -10.99 -0.75
C ILE A 718 34.66 -12.19 -0.57
N GLU A 719 34.09 -13.35 -0.22
CA GLU A 719 34.89 -14.58 -0.07
C GLU A 719 35.39 -15.10 -1.40
N GLY A 720 34.65 -14.82 -2.47
CA GLY A 720 35.06 -15.28 -3.78
C GLY A 720 36.26 -14.51 -4.27
N MET A 721 36.44 -13.31 -3.72
CA MET A 721 37.55 -12.45 -4.11
C MET A 721 38.78 -12.60 -3.23
N ARG A 722 38.70 -13.43 -2.20
CA ARG A 722 39.83 -13.63 -1.30
C ARG A 722 41.07 -14.25 -1.97
N LYS A 723 42.18 -13.52 -1.91
CA LYS A 723 43.50 -13.93 -2.46
C LYS A 723 44.03 -14.85 -1.36
N PRO A 724 44.56 -16.04 -1.72
CA PRO A 724 45.10 -16.97 -0.70
C PRO A 724 45.96 -16.27 0.36
N GLY A 725 45.40 -16.15 1.57
CA GLY A 725 46.09 -15.50 2.66
C GLY A 725 46.30 -13.99 2.55
N GLY A 726 46.40 -13.46 1.32
CA GLY A 726 46.65 -12.04 1.18
C GLY A 726 45.70 -11.07 0.47
N GLY A 727 44.68 -10.58 1.19
CA GLY A 727 43.76 -9.61 0.62
C GLY A 727 42.80 -10.03 -0.47
N PHE A 728 42.68 -9.21 -1.52
CA PHE A 728 41.75 -9.47 -2.61
C PHE A 728 42.29 -9.47 -4.03
N PHE A 729 41.57 -10.14 -4.91
CA PHE A 729 41.89 -10.18 -6.33
C PHE A 729 41.30 -8.91 -6.92
N THR A 730 41.45 -8.74 -8.23
CA THR A 730 40.90 -7.56 -8.88
C THR A 730 40.07 -8.07 -10.05
N PRO A 731 39.12 -7.25 -10.56
CA PRO A 731 38.28 -7.69 -11.69
C PRO A 731 39.12 -8.26 -12.82
N ALA A 732 40.35 -7.79 -12.93
CA ALA A 732 41.28 -8.25 -13.94
C ALA A 732 41.77 -9.67 -13.57
N GLU A 733 42.46 -9.78 -12.44
CA GLU A 733 42.99 -11.05 -11.95
C GLU A 733 41.87 -12.08 -11.86
N MET A 734 40.66 -11.61 -11.59
CA MET A 734 39.50 -12.47 -11.48
C MET A 734 39.23 -13.17 -12.81
N LYS A 735 39.23 -12.41 -13.91
CA LYS A 735 38.98 -12.97 -15.24
C LYS A 735 40.02 -14.02 -15.65
N ALA A 736 41.29 -13.70 -15.40
CA ALA A 736 42.42 -14.59 -15.70
C ALA A 736 42.28 -15.96 -15.04
N GLU A 737 41.94 -15.97 -13.74
CA GLU A 737 41.77 -17.22 -12.98
C GLU A 737 40.54 -17.99 -13.42
N GLY A 738 39.76 -17.44 -14.33
CA GLY A 738 38.54 -18.12 -14.75
C GLY A 738 37.59 -18.27 -13.56
N ARG A 739 37.72 -17.37 -12.58
CA ARG A 739 36.90 -17.32 -11.36
C ARG A 739 35.47 -16.79 -11.63
N PRO A 740 34.44 -17.37 -10.99
CA PRO A 740 33.09 -16.87 -11.25
C PRO A 740 32.88 -15.41 -10.82
N MET A 741 32.16 -14.66 -11.64
CA MET A 741 31.90 -13.24 -11.36
C MET A 741 30.62 -13.01 -10.55
N ARG A 742 29.57 -13.78 -10.84
CA ARG A 742 28.30 -13.65 -10.13
C ARG A 742 28.22 -14.62 -8.94
N TYR A 743 27.60 -14.17 -7.85
CA TYR A 743 27.44 -15.00 -6.66
C TYR A 743 25.99 -14.99 -6.19
N ASP A 744 25.36 -16.17 -6.05
CA ASP A 744 23.98 -16.27 -5.60
C ASP A 744 23.83 -16.35 -4.08
N GLY A 745 22.85 -15.62 -3.54
CA GLY A 745 22.61 -15.60 -2.10
C GLY A 745 21.18 -15.99 -1.76
N LYS A 746 21.02 -16.64 -0.61
CA LYS A 746 19.73 -17.13 -0.16
C LYS A 746 19.67 -17.09 1.35
N TRP A 747 18.50 -16.87 1.92
CA TRP A 747 18.37 -16.83 3.37
C TRP A 747 16.98 -17.29 3.78
N THR A 748 16.92 -18.12 4.82
CA THR A 748 15.64 -18.64 5.31
C THR A 748 15.42 -18.19 6.76
N ALA A 749 14.24 -17.64 7.04
CA ALA A 749 13.91 -17.16 8.39
C ALA A 749 13.72 -18.27 9.43
N PRO A 750 14.33 -18.11 10.63
CA PRO A 750 14.18 -19.13 11.66
C PRO A 750 12.81 -19.07 12.37
N ALA A 751 11.74 -19.37 11.65
CA ALA A 751 10.38 -19.35 12.19
C ALA A 751 9.62 -20.64 11.86
N LYS A 752 8.48 -20.88 12.51
CA LYS A 752 7.65 -22.09 12.25
C LYS A 752 6.15 -21.71 12.10
N ASP A 753 5.46 -22.32 11.13
CA ASP A 753 4.03 -22.04 10.90
C ASP A 753 3.20 -22.40 12.12
N CYS A 754 2.01 -21.80 12.22
CA CYS A 754 1.08 -22.07 13.31
C CYS A 754 0.27 -23.36 13.02
N ASP A 755 -0.08 -24.08 14.08
CA ASP A 755 -0.87 -25.32 13.95
C ASP A 755 -2.37 -25.00 13.95
N ALA A 756 -3.20 -26.04 13.94
CA ALA A 756 -4.64 -25.90 13.91
C ALA A 756 -5.26 -25.05 15.01
N LYS A 757 -4.53 -24.81 16.10
CA LYS A 757 -5.07 -23.97 17.17
C LYS A 757 -4.31 -22.66 17.31
N GLY A 758 -3.65 -22.28 16.21
CA GLY A 758 -2.90 -21.04 16.10
C GLY A 758 -1.63 -20.89 16.88
N GLN A 759 -1.00 -21.99 17.25
CA GLN A 759 0.23 -21.89 18.03
C GLN A 759 1.49 -22.16 17.22
N GLY A 760 2.56 -21.48 17.59
CA GLY A 760 3.83 -21.65 16.90
C GLY A 760 4.66 -20.39 16.97
N SER A 761 5.68 -20.29 16.12
CA SER A 761 6.55 -19.11 16.04
C SER A 761 6.59 -18.71 14.58
N PRO A 762 5.49 -18.11 14.05
CA PRO A 762 5.32 -17.68 12.66
C PRO A 762 6.25 -16.61 12.06
N PHE A 763 6.79 -15.72 12.88
CA PHE A 763 7.67 -14.66 12.40
C PHE A 763 8.92 -14.55 13.24
N ALA A 764 10.06 -14.31 12.59
CA ALA A 764 11.31 -14.17 13.33
C ALA A 764 11.44 -12.74 13.94
N CYS A 765 10.85 -11.74 13.28
CA CYS A 765 10.91 -10.35 13.75
C CYS A 765 9.56 -9.70 13.82
N TYR A 766 9.43 -8.75 14.74
CA TYR A 766 8.18 -8.01 14.89
C TYR A 766 8.44 -6.50 14.81
N MET A 767 7.36 -5.72 14.78
CA MET A 767 7.40 -4.27 14.72
C MET A 767 6.44 -3.83 15.79
N TYR A 768 6.87 -2.91 16.65
CA TYR A 768 6.03 -2.43 17.75
C TYR A 768 5.87 -0.94 17.67
N GLY A 769 4.68 -0.46 17.99
CA GLY A 769 4.44 0.98 17.96
C GLY A 769 3.50 1.45 19.07
N LEU A 770 3.76 2.64 19.62
CA LEU A 770 2.92 3.24 20.64
C LEU A 770 2.37 4.51 20.01
N PHE A 771 1.04 4.57 19.87
CA PHE A 771 0.41 5.72 19.24
C PHE A 771 -0.28 6.64 20.24
N LEU A 772 -0.13 7.95 20.05
CA LEU A 772 -0.78 8.96 20.90
C LEU A 772 -1.36 10.01 19.98
N THR A 773 -2.60 10.41 20.22
CA THR A 773 -3.26 11.41 19.38
C THR A 773 -4.09 12.40 20.17
N GLU A 774 -4.11 13.63 19.68
CA GLU A 774 -4.92 14.68 20.26
C GLU A 774 -5.97 14.99 19.19
N VAL A 775 -7.24 14.77 19.53
CA VAL A 775 -8.35 15.03 18.61
C VAL A 775 -9.30 16.10 19.17
N ALA A 776 -9.82 16.94 18.27
CA ALA A 776 -10.75 17.99 18.63
C ALA A 776 -12.12 17.63 18.08
N VAL A 777 -13.13 17.63 18.93
CA VAL A 777 -14.47 17.28 18.45
C VAL A 777 -15.45 18.46 18.50
N GLU A 778 -16.01 18.78 17.34
CA GLU A 778 -17.00 19.86 17.23
C GLU A 778 -18.34 19.29 17.68
N VAL A 779 -18.60 19.41 18.97
CA VAL A 779 -19.82 18.92 19.64
C VAL A 779 -21.11 19.10 18.85
N ALA A 780 -21.20 20.25 18.18
CA ALA A 780 -22.37 20.58 17.38
C ALA A 780 -22.59 19.67 16.16
N THR A 781 -21.51 19.34 15.44
CA THR A 781 -21.63 18.49 14.25
C THR A 781 -21.19 17.05 14.42
N GLY A 782 -20.10 16.85 15.16
CA GLY A 782 -19.58 15.52 15.34
C GLY A 782 -18.31 15.36 14.51
N LYS A 783 -17.85 16.46 13.90
CA LYS A 783 -16.64 16.46 13.07
C LYS A 783 -15.40 16.44 13.96
N ALA A 784 -14.63 15.35 13.84
CA ALA A 784 -13.39 15.15 14.60
C ALA A 784 -12.18 15.57 13.77
N THR A 785 -11.15 16.08 14.45
CA THR A 785 -9.95 16.54 13.77
C THR A 785 -8.72 16.19 14.57
N VAL A 786 -7.87 15.31 14.02
CA VAL A 786 -6.63 14.90 14.69
C VAL A 786 -5.69 16.10 14.65
N GLU A 787 -5.38 16.66 15.83
CA GLU A 787 -4.53 17.84 15.89
C GLU A 787 -3.06 17.56 16.11
N LYS A 788 -2.75 16.37 16.61
CA LYS A 788 -1.37 16.00 16.89
C LYS A 788 -1.20 14.50 16.98
N MET A 789 -0.04 14.02 16.54
CA MET A 789 0.29 12.59 16.58
C MET A 789 1.74 12.34 16.97
N VAL A 790 1.93 11.47 17.95
CA VAL A 790 3.25 11.10 18.42
C VAL A 790 3.33 9.61 18.31
N CYS A 791 4.40 9.11 17.73
CA CYS A 791 4.54 7.68 17.58
C CYS A 791 5.90 7.17 17.97
N VAL A 792 5.94 6.40 19.06
CA VAL A 792 7.18 5.78 19.55
C VAL A 792 7.21 4.42 18.84
N ALA A 793 8.33 4.13 18.17
CA ALA A 793 8.42 2.88 17.42
C ALA A 793 9.70 2.11 17.61
N ASP A 794 9.61 0.78 17.48
CA ASP A 794 10.77 -0.12 17.55
C ASP A 794 10.71 -1.01 16.30
N ILE A 795 11.57 -0.67 15.34
CA ILE A 795 11.68 -1.41 14.08
C ILE A 795 13.15 -1.80 13.87
N GLY A 796 13.92 -1.87 14.96
CA GLY A 796 15.31 -2.25 14.85
C GLY A 796 16.18 -1.11 14.34
N LYS A 797 17.28 -1.46 13.71
CA LYS A 797 18.19 -0.47 13.17
C LYS A 797 17.58 0.11 11.89
N ILE A 798 17.81 1.40 11.64
CA ILE A 798 17.28 2.05 10.43
C ILE A 798 18.26 1.91 9.24
N CYS A 799 17.75 1.46 8.10
CA CYS A 799 18.55 1.32 6.90
C CYS A 799 18.64 2.67 6.18
N ASN A 800 17.49 3.35 6.08
CA ASN A 800 17.41 4.69 5.50
C ASN A 800 16.37 5.53 6.27
N LYS A 801 16.85 6.61 6.88
CA LYS A 801 16.01 7.50 7.69
C LYS A 801 14.89 8.18 6.89
N LEU A 802 15.20 8.70 5.71
CA LEU A 802 14.16 9.36 4.90
C LEU A 802 13.06 8.37 4.55
N VAL A 803 13.44 7.12 4.29
CA VAL A 803 12.48 6.08 3.94
C VAL A 803 11.56 5.74 5.12
N VAL A 804 12.15 5.36 6.25
CA VAL A 804 11.38 5.01 7.44
C VAL A 804 10.53 6.18 7.95
N ASP A 805 11.09 7.40 7.93
CA ASP A 805 10.31 8.55 8.38
C ASP A 805 9.09 8.69 7.51
N GLY A 806 9.33 8.68 6.20
CA GLY A 806 8.26 8.82 5.22
C GLY A 806 7.24 7.70 5.26
N GLN A 807 7.65 6.53 5.75
CA GLN A 807 6.76 5.37 5.86
C GLN A 807 5.80 5.53 7.06
N ILE A 808 6.32 6.09 8.15
CA ILE A 808 5.53 6.31 9.35
C ILE A 808 4.55 7.46 9.14
N TYR A 809 5.00 8.53 8.51
CA TYR A 809 4.11 9.66 8.23
C TYR A 809 2.97 9.15 7.36
N GLY A 810 3.32 8.48 6.26
CA GLY A 810 2.32 7.95 5.36
C GLY A 810 1.37 6.98 6.04
N GLY A 811 1.91 6.09 6.87
CA GLY A 811 1.08 5.12 7.57
C GLY A 811 0.07 5.75 8.52
N LEU A 812 0.54 6.71 9.32
CA LEU A 812 -0.32 7.41 10.27
C LEU A 812 -1.45 8.14 9.52
N ALA A 813 -1.16 8.72 8.35
CA ALA A 813 -2.17 9.43 7.54
C ALA A 813 -3.31 8.51 7.12
N GLN A 814 -2.98 7.31 6.63
CA GLN A 814 -4.01 6.34 6.25
C GLN A 814 -4.76 5.90 7.50
N GLY A 815 -4.07 5.95 8.66
CA GLY A 815 -4.70 5.61 9.92
C GLY A 815 -5.88 6.54 10.21
N VAL A 816 -5.71 7.82 9.86
CA VAL A 816 -6.76 8.83 10.05
C VAL A 816 -7.94 8.56 9.13
N GLY A 817 -7.67 8.29 7.85
CA GLY A 817 -8.73 8.01 6.90
C GLY A 817 -9.49 6.75 7.30
N LEU A 818 -8.77 5.78 7.87
CA LEU A 818 -9.38 4.53 8.31
C LEU A 818 -10.35 4.75 9.47
N ALA A 819 -9.98 5.64 10.39
CA ALA A 819 -10.83 5.92 11.54
C ALA A 819 -11.96 6.87 11.21
N LEU A 820 -11.63 7.96 10.50
CA LEU A 820 -12.62 9.00 10.20
C LEU A 820 -13.36 9.08 8.89
N SER A 821 -12.77 8.63 7.77
CA SER A 821 -13.48 8.85 6.52
C SER A 821 -13.64 7.82 5.41
N GLU A 822 -12.69 6.91 5.28
CA GLU A 822 -12.71 5.91 4.19
C GLU A 822 -13.64 4.74 4.30
N ASP A 823 -14.07 4.23 3.14
CA ASP A 823 -14.93 3.05 3.06
C ASP A 823 -15.33 2.72 1.61
N TYR A 824 -15.62 1.44 1.36
CA TYR A 824 -16.10 0.99 0.05
C TYR A 824 -17.31 0.13 0.33
N GLU A 825 -18.44 0.82 0.51
CA GLU A 825 -19.73 0.21 0.81
C GLU A 825 -20.77 0.53 -0.25
N ASP A 826 -21.02 1.82 -0.45
CA ASP A 826 -21.98 2.25 -1.45
C ASP A 826 -21.27 2.28 -2.79
N LEU A 827 -21.73 1.39 -3.67
CA LEU A 827 -21.15 1.25 -5.00
C LEU A 827 -21.12 2.52 -5.85
N LYS A 828 -22.09 3.41 -5.65
CA LYS A 828 -22.09 4.65 -6.42
C LYS A 828 -21.39 5.79 -5.67
N LYS A 829 -21.73 5.97 -4.40
CA LYS A 829 -21.10 7.04 -3.60
C LYS A 829 -19.59 6.90 -3.41
N HIS A 830 -19.11 5.65 -3.37
CA HIS A 830 -17.69 5.37 -3.15
C HIS A 830 -16.90 4.93 -4.38
N SER A 831 -17.28 5.40 -5.56
CA SER A 831 -16.62 5.03 -6.80
C SER A 831 -15.63 6.07 -7.30
N THR A 832 -15.43 7.12 -6.51
CA THR A 832 -14.52 8.18 -6.87
C THR A 832 -13.63 8.44 -5.69
N MET A 833 -12.41 8.87 -5.97
CA MET A 833 -11.43 9.15 -4.92
C MET A 833 -12.00 9.93 -3.73
N GLY A 834 -12.53 11.12 -3.99
CA GLY A 834 -13.08 11.93 -2.92
C GLY A 834 -14.31 11.33 -2.26
N GLY A 835 -15.12 10.61 -3.04
CA GLY A 835 -16.31 9.97 -2.52
C GLY A 835 -15.95 8.96 -1.44
N ALA A 836 -14.94 8.13 -1.69
CA ALA A 836 -14.50 7.14 -0.72
C ALA A 836 -13.81 7.78 0.49
N GLY A 837 -13.57 9.09 0.43
CA GLY A 837 -13.00 9.82 1.55
C GLY A 837 -11.51 9.81 1.84
N ILE A 838 -10.72 9.97 0.79
CA ILE A 838 -9.27 9.99 0.92
C ILE A 838 -8.88 11.28 1.69
N PRO A 839 -7.91 11.20 2.62
CA PRO A 839 -7.56 12.41 3.36
C PRO A 839 -6.85 13.49 2.54
N SER A 840 -7.35 14.72 2.62
CA SER A 840 -6.73 15.86 1.95
C SER A 840 -5.76 16.43 3.01
N ILE A 841 -4.81 17.26 2.58
CA ILE A 841 -3.81 17.80 3.50
C ILE A 841 -4.28 18.29 4.88
N LYS A 842 -5.32 19.10 4.89
CA LYS A 842 -5.85 19.66 6.14
C LYS A 842 -6.37 18.60 7.12
N MET A 843 -6.60 17.39 6.63
CA MET A 843 -7.07 16.33 7.50
C MET A 843 -5.94 15.74 8.35
N ILE A 844 -4.70 15.95 7.92
CA ILE A 844 -3.54 15.40 8.62
C ILE A 844 -2.87 16.52 9.42
N PRO A 845 -2.56 16.27 10.71
CA PRO A 845 -1.91 17.29 11.53
C PRO A 845 -0.50 17.55 11.06
N ASP A 846 -0.10 18.82 11.01
CA ASP A 846 1.25 19.18 10.60
C ASP A 846 2.16 18.77 11.77
N ASP A 847 1.53 18.65 12.93
CA ASP A 847 2.23 18.29 14.14
C ASP A 847 2.24 16.77 14.37
N ILE A 848 3.23 16.10 13.79
CA ILE A 848 3.43 14.66 13.90
C ILE A 848 4.86 14.50 14.34
N GLU A 849 5.11 13.58 15.28
CA GLU A 849 6.45 13.40 15.78
C GLU A 849 6.76 11.94 15.97
N ILE A 850 8.00 11.57 15.72
CA ILE A 850 8.45 10.17 15.85
C ILE A 850 9.65 10.00 16.78
N VAL A 851 9.63 8.94 17.58
CA VAL A 851 10.71 8.61 18.52
C VAL A 851 11.07 7.14 18.23
N TYR A 852 12.34 6.89 17.90
CA TYR A 852 12.80 5.54 17.57
C TYR A 852 13.53 4.82 18.71
N VAL A 853 13.14 3.58 19.02
CA VAL A 853 13.85 2.79 20.03
C VAL A 853 14.54 1.71 19.20
N GLU A 854 15.80 1.97 18.87
CA GLU A 854 16.57 1.05 18.04
C GLU A 854 17.11 -0.20 18.72
N THR A 855 16.22 -1.07 19.18
CA THR A 855 16.65 -2.32 19.79
C THR A 855 16.94 -3.18 18.57
N PRO A 856 18.16 -3.77 18.46
CA PRO A 856 18.51 -4.61 17.30
C PRO A 856 17.92 -6.02 17.25
N ARG A 857 17.71 -6.53 16.03
CA ARG A 857 17.16 -7.86 15.86
C ARG A 857 18.28 -8.86 15.56
N LYS A 858 18.35 -9.94 16.33
CA LYS A 858 19.36 -10.97 16.10
C LYS A 858 19.27 -11.48 14.68
N ASP A 859 18.05 -11.66 14.19
CA ASP A 859 17.83 -12.20 12.86
C ASP A 859 17.63 -11.20 11.72
N GLY A 860 17.76 -9.91 12.00
CA GLY A 860 17.61 -8.93 10.95
C GLY A 860 18.94 -8.50 10.34
N PRO A 861 18.98 -8.10 9.05
CA PRO A 861 20.26 -7.68 8.47
C PRO A 861 20.76 -6.42 9.16
N PHE A 862 21.88 -6.57 9.87
CA PHE A 862 22.49 -5.47 10.63
C PHE A 862 21.57 -5.01 11.75
N GLY A 863 20.80 -5.98 12.25
CA GLY A 863 19.87 -5.74 13.34
C GLY A 863 18.66 -4.91 13.01
N ALA A 864 18.23 -4.94 11.76
CA ALA A 864 17.08 -4.18 11.31
C ALA A 864 15.85 -5.07 11.21
N SER A 865 14.67 -4.45 11.30
CA SER A 865 13.40 -5.16 11.19
C SER A 865 12.61 -4.43 10.12
N GLY A 866 11.38 -4.88 9.84
CA GLY A 866 10.57 -4.19 8.84
C GLY A 866 9.95 -2.92 9.40
N VAL A 867 9.20 -2.19 8.57
CA VAL A 867 8.55 -0.96 9.02
C VAL A 867 7.24 -0.76 8.24
N GLY A 868 7.23 -1.29 7.02
CA GLY A 868 6.10 -1.15 6.13
C GLY A 868 4.69 -1.03 6.69
N GLU A 869 4.25 -2.05 7.40
CA GLU A 869 2.90 -2.05 7.93
C GLU A 869 2.72 -1.63 9.36
N MET A 870 3.82 -1.25 10.02
CA MET A 870 3.77 -0.86 11.42
C MET A 870 3.00 0.45 11.72
N PRO A 871 3.17 1.51 10.89
CA PRO A 871 2.43 2.73 11.22
C PRO A 871 0.89 2.69 11.04
N LEU A 872 0.36 1.56 10.58
CA LEU A 872 -1.10 1.42 10.38
C LEU A 872 -1.69 0.34 11.30
N THR A 873 -0.92 -0.14 12.27
CA THR A 873 -1.40 -1.17 13.18
C THR A 873 -2.51 -0.72 14.14
N ALA A 874 -2.28 0.34 14.91
CA ALA A 874 -3.32 0.81 15.82
C ALA A 874 -3.53 2.33 15.91
N PRO A 875 -3.08 3.13 14.91
CA PRO A 875 -3.32 4.56 15.09
C PRO A 875 -4.83 4.88 15.07
N HIS A 876 -5.63 4.05 14.40
CA HIS A 876 -7.08 4.30 14.37
C HIS A 876 -7.72 4.07 15.74
N ALA A 877 -7.25 3.06 16.46
CA ALA A 877 -7.75 2.75 17.80
C ALA A 877 -7.49 3.94 18.74
N ALA A 878 -6.37 4.65 18.51
CA ALA A 878 -5.98 5.81 19.30
C ALA A 878 -6.90 7.00 19.06
N ILE A 879 -7.21 7.26 17.79
CA ILE A 879 -8.11 8.35 17.40
C ILE A 879 -9.47 8.12 18.05
N ILE A 880 -9.96 6.90 17.96
CA ILE A 880 -11.26 6.53 18.53
C ILE A 880 -11.30 6.71 20.06
N ASN A 881 -10.21 6.34 20.72
CA ASN A 881 -10.13 6.48 22.16
C ASN A 881 -10.07 7.95 22.50
N GLY A 882 -9.40 8.71 21.65
CA GLY A 882 -9.30 10.14 21.86
C GLY A 882 -10.67 10.78 21.83
N ILE A 883 -11.48 10.39 20.84
CA ILE A 883 -12.84 10.91 20.68
C ILE A 883 -13.67 10.63 21.94
N TYR A 884 -13.62 9.40 22.44
CA TYR A 884 -14.38 9.08 23.64
C TYR A 884 -13.88 9.97 24.76
N ASN A 885 -12.57 10.05 24.88
CA ASN A 885 -11.97 10.88 25.89
C ASN A 885 -12.41 12.35 25.80
N ALA A 886 -12.71 12.83 24.60
CA ALA A 886 -13.12 14.21 24.41
C ALA A 886 -14.59 14.48 24.78
N CYS A 887 -15.50 13.72 24.16
CA CYS A 887 -16.93 13.91 24.39
C CYS A 887 -17.72 12.75 24.99
N GLY A 888 -17.05 11.64 25.27
CA GLY A 888 -17.74 10.51 25.87
C GLY A 888 -18.44 9.61 24.88
N ALA A 889 -18.38 9.97 23.60
CA ALA A 889 -18.99 9.19 22.52
C ALA A 889 -18.09 8.02 22.13
N ARG A 890 -18.63 6.80 22.07
CA ARG A 890 -17.83 5.64 21.70
C ARG A 890 -18.32 4.88 20.47
N VAL A 891 -17.55 5.02 19.38
CA VAL A 891 -17.87 4.38 18.11
C VAL A 891 -17.07 3.10 17.92
N ARG A 892 -17.78 1.98 17.78
CA ARG A 892 -17.16 0.66 17.61
C ARG A 892 -17.29 0.21 16.15
N HIS A 893 -18.02 0.99 15.36
CA HIS A 893 -18.27 0.66 13.95
C HIS A 893 -17.65 1.72 13.07
N LEU A 894 -16.49 1.39 12.48
CA LEU A 894 -15.78 2.34 11.64
C LEU A 894 -16.39 2.46 10.25
N PRO A 895 -16.26 3.65 9.60
CA PRO A 895 -15.59 4.85 10.14
C PRO A 895 -16.45 5.75 11.01
N ALA A 896 -15.79 6.49 11.88
CA ALA A 896 -16.46 7.41 12.78
C ALA A 896 -16.85 8.71 12.07
N ARG A 897 -17.84 8.64 11.19
CA ARG A 897 -18.31 9.81 10.46
C ARG A 897 -19.02 10.72 11.44
N PRO A 898 -19.13 12.01 11.11
CA PRO A 898 -19.80 12.99 11.98
C PRO A 898 -21.14 12.53 12.58
N GLU A 899 -22.10 12.14 11.74
CA GLU A 899 -23.41 11.73 12.25
C GLU A 899 -23.32 10.48 13.11
N LYS A 900 -22.29 9.67 12.89
CA LYS A 900 -22.07 8.44 13.65
C LYS A 900 -21.56 8.79 15.05
N VAL A 901 -20.70 9.80 15.11
CA VAL A 901 -20.12 10.30 16.36
C VAL A 901 -21.24 10.99 17.17
N LEU A 902 -22.17 11.63 16.46
CA LEU A 902 -23.29 12.33 17.06
C LEU A 902 -24.22 11.35 17.74
N GLU A 903 -24.61 10.31 17.02
CA GLU A 903 -25.48 9.30 17.57
C GLU A 903 -24.93 8.81 18.88
N ALA A 904 -23.65 8.45 18.87
CA ALA A 904 -22.96 7.90 20.04
C ALA A 904 -22.64 8.87 21.17
N MET A 905 -23.02 10.13 21.02
CA MET A 905 -22.70 11.14 22.03
C MET A 905 -23.58 11.30 23.27
N PRO A 906 -23.09 10.83 24.43
CA PRO A 906 -23.90 10.98 25.65
C PRO A 906 -23.66 12.40 26.16
FE1 FES B . 2.92 8.49 -3.91
FE2 FES B . 2.41 11.08 -3.40
S1 FES B . 4.40 10.07 -3.44
S2 FES B . 0.98 9.60 -4.12
FE1 FES C . -7.15 14.12 -10.64
FE2 FES C . -7.02 15.82 -12.78
S1 FES C . -7.37 16.31 -10.62
S2 FES C . -6.51 13.66 -12.75
MO 2MO D . 1.23 -5.18 2.21
OT1 2MO D . 1.54 -5.58 0.61
OT2 2MO D . -0.47 -5.21 2.33
N1 MCN E . 13.33 0.17 5.85
C2 MCN E . 14.47 0.87 6.35
N3 MCN E . 14.90 0.50 7.61
C4 MCN E . 14.31 -0.43 8.32
C5 MCN E . 13.13 -1.16 7.83
C6 MCN E . 12.72 -0.78 6.58
O2 MCN E . 15.04 1.76 5.68
N4 MCN E . 14.71 -0.83 9.57
C1' MCN E . 12.84 0.55 4.52
C2D MCN E . 12.98 -0.61 3.49
O2' MCN E . 14.26 -0.58 2.85
C3' MCN E . 11.85 -0.34 2.51
C4D MCN E . 10.78 0.26 3.40
O4D MCN E . 11.42 0.76 4.61
O3' MCN E . 12.25 0.70 1.59
C5' MCN E . 9.72 -0.76 3.75
O5' MCN E . 10.45 -2.07 4.19
PA MCN E . 9.61 -3.32 4.65
O1A MCN E . 8.85 -2.99 5.91
O2A MCN E . 10.60 -4.55 4.81
O3A MCN E . 8.48 -3.58 3.51
PB MCN E . 8.57 -4.04 1.98
O1B MCN E . 9.76 -3.57 1.32
O2B MCN E . 8.19 -5.52 1.99
O3B MCN E . 7.36 -3.12 1.40
C10 MCN E . 5.97 -3.57 1.57
C9' MCN E . 5.18 -2.63 2.46
C8' MCN E . 3.78 -3.10 2.38
S8' MCN E . 3.60 -4.73 2.77
C7' MCN E . 2.78 -2.30 2.07
S7' MCN E . 1.17 -2.74 1.94
C6' MCN E . 2.92 -0.79 1.92
C7 MCN E . 4.29 -0.38 2.42
O9' MCN E . 5.34 -1.25 2.02
N5' MCN E . 2.85 -0.41 0.50
C4A MCN E . 3.35 0.91 0.23
N8' MCN E . 4.72 0.95 2.24
C4B MCN E . 4.25 1.52 1.13
N1' MCN E . 4.74 2.77 0.89
C2' MCN E . 4.38 3.52 -0.25
N2' MCN E . 4.84 4.75 -0.53
N3' MCN E . 3.47 2.91 -1.18
C4' MCN E . 2.96 1.67 -0.95
O4' MCN E . 2.14 1.20 -1.81
#